data_4NS1
#
_entry.id   4NS1
#
_cell.length_a   218.904
_cell.length_b   218.904
_cell.length_c   218.904
_cell.angle_alpha   90.000
_cell.angle_beta   90.000
_cell.angle_gamma   90.000
#
_symmetry.space_group_name_H-M   'I 21 3'
#
loop_
_entity.id
_entity.type
_entity.pdbx_description
1 polymer 'Purine nucleoside phosphorylase'
2 non-polymer "2'-DEOXYADENOSINE-5'-MONOPHOSPHATE"
3 non-polymer 'SULFATE ION'
4 non-polymer GLYCEROL
5 water water
#
_entity_poly.entity_id   1
_entity_poly.type   'polypeptide(L)'
_entity_poly.pdbx_seq_one_letter_code
;(MSE)HHHHHHSSGVDLGTENLYFQS(MSE)KLQEQHYHEAASFLSSRLPGDAKTAIILGSGLGELAEKIENKTVIPYNE
IPHFAQATAVGHKGNIIGGILGGTPVVA(MSE)QGRFHYYEGYS(MSE)DQVTFPIRV(MSE)KLLGIENLFVSNAAGGI
NTSFKVGDL(MSE)II(CSO)DHINNLPNPLIGPN(MSE)D(MSE)FGVRFPD(MSE)TRAYDREFIAKAKGIAQELNIP
VKEGVYVGLTGPSYETPAEYKFWGQVGGDAIG(MSE)STVPEVIVARHTGIRVFG(MSE)SVITNEGYHFADDFVNDEQD
VIRAANAASEK(MSE)GAIFARLIAAV
;
_entity_poly.pdbx_strand_id   A,B,C,D
#
# COMPACT_ATOMS: atom_id res chain seq x y z
N LYS A 24 6.98 -33.45 -9.98
CA LYS A 24 8.22 -34.21 -9.87
C LYS A 24 9.39 -33.25 -9.70
N LEU A 25 9.31 -32.09 -10.36
CA LEU A 25 10.31 -31.03 -10.24
C LEU A 25 10.40 -30.51 -8.81
N GLN A 26 9.25 -30.34 -8.18
CA GLN A 26 9.23 -29.87 -6.81
C GLN A 26 9.95 -30.85 -5.87
N GLU A 27 9.64 -32.14 -6.01
CA GLU A 27 10.29 -33.20 -5.21
C GLU A 27 11.79 -33.18 -5.43
N GLN A 28 12.18 -33.07 -6.70
CA GLN A 28 13.59 -32.97 -7.07
C GLN A 28 14.30 -31.82 -6.36
N HIS A 29 13.65 -30.66 -6.29
CA HIS A 29 14.24 -29.49 -5.65
C HIS A 29 14.49 -29.73 -4.18
N TYR A 30 13.52 -30.33 -3.49
CA TYR A 30 13.73 -30.71 -2.08
C TYR A 30 14.90 -31.66 -1.94
N HIS A 31 14.97 -32.67 -2.82
CA HIS A 31 16.05 -33.65 -2.74
C HIS A 31 17.44 -33.02 -2.98
N GLU A 32 17.51 -32.13 -3.96
CA GLU A 32 18.77 -31.47 -4.28
C GLU A 32 19.30 -30.64 -3.11
N ALA A 33 18.42 -29.90 -2.43
CA ALA A 33 18.85 -29.11 -1.28
C ALA A 33 19.30 -30.04 -0.16
N ALA A 34 18.51 -31.08 0.11
CA ALA A 34 18.83 -32.03 1.18
C ALA A 34 20.15 -32.75 0.90
N SER A 35 20.33 -33.24 -0.33
CA SER A 35 21.57 -33.93 -0.71
CA SER A 35 21.57 -33.94 -0.70
C SER A 35 22.80 -33.04 -0.52
N PHE A 36 22.68 -31.77 -0.93
CA PHE A 36 23.76 -30.81 -0.79
C PHE A 36 24.12 -30.65 0.68
N LEU A 37 23.10 -30.52 1.55
CA LEU A 37 23.38 -30.31 2.96
C LEU A 37 23.88 -31.59 3.63
N SER A 38 23.33 -32.73 3.23
CA SER A 38 23.67 -34.04 3.82
CA SER A 38 23.70 -33.99 3.88
C SER A 38 25.12 -34.43 3.55
N SER A 39 25.65 -33.99 2.42
CA SER A 39 27.06 -34.30 2.14
C SER A 39 28.00 -33.43 2.98
N ARG A 40 27.46 -32.38 3.60
CA ARG A 40 28.26 -31.38 4.31
C ARG A 40 28.10 -31.36 5.84
N LEU A 41 26.89 -31.63 6.32
CA LEU A 41 26.60 -31.57 7.75
C LEU A 41 27.03 -32.84 8.48
N PRO A 42 27.22 -32.76 9.81
CA PRO A 42 27.59 -33.95 10.59
C PRO A 42 26.59 -35.12 10.41
N GLY A 43 25.29 -34.80 10.26
CA GLY A 43 24.26 -35.82 10.04
C GLY A 43 23.67 -36.47 11.28
N ASP A 44 24.00 -35.94 12.46
CA ASP A 44 23.49 -36.48 13.70
C ASP A 44 22.43 -35.61 14.36
N ALA A 45 22.12 -34.45 13.80
CA ALA A 45 21.12 -33.59 14.44
C ALA A 45 19.70 -34.15 14.28
N LYS A 46 18.92 -34.07 15.36
CA LYS A 46 17.49 -34.38 15.28
C LYS A 46 16.63 -33.15 15.52
N THR A 47 17.27 -32.04 15.90
CA THR A 47 16.56 -30.80 16.20
C THR A 47 17.15 -29.68 15.35
N ALA A 48 16.26 -28.89 14.74
CA ALA A 48 16.64 -27.70 14.02
C ALA A 48 16.12 -26.49 14.77
N ILE A 49 16.88 -25.40 14.73
CA ILE A 49 16.46 -24.17 15.44
C ILE A 49 16.51 -23.01 14.46
N ILE A 50 15.41 -22.30 14.34
CA ILE A 50 15.39 -21.03 13.60
C ILE A 50 15.84 -19.95 14.56
N LEU A 51 16.96 -19.29 14.23
CA LEU A 51 17.55 -18.30 15.14
C LEU A 51 16.88 -16.95 14.91
N GLY A 52 15.63 -16.86 15.35
CA GLY A 52 14.90 -15.60 15.19
C GLY A 52 15.30 -14.60 16.26
N SER A 53 14.53 -13.53 16.34
CA SER A 53 14.72 -12.57 17.42
C SER A 53 14.75 -13.26 18.78
N GLY A 54 15.67 -12.84 19.64
CA GLY A 54 15.81 -13.45 20.96
C GLY A 54 16.81 -14.58 21.01
N LEU A 55 17.29 -15.03 19.84
CA LEU A 55 18.28 -16.10 19.80
C LEU A 55 19.57 -15.59 19.18
N GLY A 56 19.81 -14.30 19.33
CA GLY A 56 20.94 -13.62 18.68
C GLY A 56 22.31 -13.95 19.25
N GLU A 57 22.34 -14.69 20.35
CA GLU A 57 23.62 -15.08 20.94
C GLU A 57 23.87 -16.57 20.76
N LEU A 58 22.89 -17.27 20.20
CA LEU A 58 22.94 -18.74 20.20
C LEU A 58 23.94 -19.31 19.20
N ALA A 59 24.04 -18.73 18.01
CA ALA A 59 24.97 -19.25 17.01
C ALA A 59 26.40 -19.29 17.54
N GLU A 60 26.76 -18.28 18.31
CA GLU A 60 28.11 -18.19 18.88
C GLU A 60 28.38 -19.34 19.86
N LYS A 61 27.33 -19.84 20.49
CA LYS A 61 27.45 -20.93 21.46
C LYS A 61 27.58 -22.29 20.79
N ILE A 62 27.22 -22.40 19.51
CA ILE A 62 27.39 -23.68 18.81
C ILE A 62 28.87 -24.00 18.62
N GLU A 63 29.26 -25.22 19.04
CA GLU A 63 30.65 -25.65 18.95
C GLU A 63 30.88 -26.52 17.73
N ASN A 64 32.11 -26.55 17.25
CA ASN A 64 32.49 -27.34 16.07
C ASN A 64 31.57 -27.04 14.90
N LYS A 65 31.38 -25.76 14.61
CA LYS A 65 30.45 -25.34 13.57
C LYS A 65 30.85 -25.81 12.18
N THR A 66 29.85 -26.24 11.42
CA THR A 66 29.95 -26.34 9.97
C THR A 66 29.01 -25.26 9.47
N VAL A 67 29.55 -24.26 8.76
CA VAL A 67 28.74 -23.13 8.29
C VAL A 67 28.52 -23.24 6.79
N ILE A 68 27.26 -23.27 6.38
CA ILE A 68 26.89 -23.41 4.97
C ILE A 68 25.99 -22.25 4.55
N PRO A 69 26.53 -21.32 3.74
CA PRO A 69 25.76 -20.15 3.34
C PRO A 69 24.51 -20.55 2.54
N TYR A 70 23.39 -19.91 2.85
CA TYR A 70 22.14 -20.12 2.12
C TYR A 70 22.33 -19.99 0.61
N ASN A 71 23.16 -19.04 0.19
CA ASN A 71 23.40 -18.80 -1.24
C ASN A 71 24.07 -19.96 -1.98
N GLU A 72 24.64 -20.90 -1.25
CA GLU A 72 25.24 -22.10 -1.85
C GLU A 72 24.29 -23.29 -1.92
N ILE A 73 23.15 -23.22 -1.22
CA ILE A 73 22.26 -24.39 -1.11
C ILE A 73 21.23 -24.34 -2.23
N PRO A 74 21.15 -25.41 -3.03
CA PRO A 74 20.22 -25.43 -4.15
C PRO A 74 18.80 -25.07 -3.71
N HIS A 75 18.23 -24.10 -4.41
CA HIS A 75 16.81 -23.73 -4.29
C HIS A 75 16.42 -22.95 -3.02
N PHE A 76 17.38 -22.66 -2.14
CA PHE A 76 17.12 -21.73 -1.03
C PHE A 76 16.92 -20.35 -1.60
N ALA A 77 15.93 -19.64 -1.07
CA ALA A 77 15.61 -18.29 -1.51
C ALA A 77 16.84 -17.40 -1.41
N GLN A 78 17.03 -16.56 -2.43
CA GLN A 78 18.14 -15.61 -2.46
C GLN A 78 17.87 -14.47 -1.48
N ALA A 79 18.74 -14.36 -0.47
CA ALA A 79 18.55 -13.40 0.63
C ALA A 79 19.18 -12.06 0.29
N LYS A 85 24.12 -12.79 7.96
CA LYS A 85 23.80 -13.31 6.63
C LYS A 85 22.70 -14.36 6.75
N GLY A 86 22.65 -15.24 5.76
CA GLY A 86 21.90 -16.48 5.87
C GLY A 86 22.82 -17.67 5.81
N ASN A 87 22.81 -18.49 6.86
CA ASN A 87 23.64 -19.68 6.91
C ASN A 87 22.91 -20.80 7.59
N ILE A 88 23.11 -22.02 7.09
CA ILE A 88 22.86 -23.23 7.89
C ILE A 88 24.10 -23.46 8.76
N ILE A 89 23.89 -23.69 10.05
CA ILE A 89 25.00 -23.99 10.94
C ILE A 89 24.76 -25.34 11.61
N GLY A 90 25.64 -26.30 11.36
CA GLY A 90 25.61 -27.55 12.11
C GLY A 90 26.68 -27.54 13.19
N GLY A 91 26.44 -28.24 14.28
CA GLY A 91 27.42 -28.29 15.35
C GLY A 91 26.78 -28.82 16.61
N ILE A 92 27.38 -28.50 17.75
CA ILE A 92 26.93 -29.01 19.04
C ILE A 92 26.48 -27.84 19.90
N LEU A 93 25.28 -27.93 20.44
CA LEU A 93 24.71 -26.89 21.31
C LEU A 93 24.12 -27.57 22.54
N GLY A 94 24.43 -27.08 23.74
CA GLY A 94 23.88 -27.70 24.94
C GLY A 94 24.19 -29.19 24.95
N GLY A 95 25.42 -29.52 24.56
CA GLY A 95 25.90 -30.90 24.48
C GLY A 95 25.25 -31.79 23.42
N THR A 96 24.54 -31.19 22.46
CA THR A 96 23.66 -31.95 21.55
C THR A 96 23.83 -31.51 20.09
N PRO A 97 23.84 -32.46 19.14
CA PRO A 97 23.83 -32.09 17.72
C PRO A 97 22.65 -31.17 17.36
N VAL A 98 22.92 -30.13 16.57
CA VAL A 98 21.87 -29.22 16.15
C VAL A 98 22.10 -28.80 14.72
N VAL A 99 21.03 -28.42 14.02
CA VAL A 99 21.15 -27.64 12.80
C VAL A 99 20.44 -26.32 13.05
N ALA A 100 21.14 -25.20 12.84
CA ALA A 100 20.54 -23.89 13.04
C ALA A 100 20.34 -23.17 11.71
N GLN A 102 20.37 -19.63 10.51
CA GLN A 102 20.77 -18.27 10.86
C GLN A 102 20.31 -17.39 9.72
N GLY A 103 19.30 -16.59 9.97
CA GLY A 103 18.64 -15.85 8.91
C GLY A 103 17.35 -16.59 8.56
N ARG A 104 16.31 -15.85 8.24
CA ARG A 104 15.03 -16.46 7.92
C ARG A 104 14.34 -15.61 6.86
N PHE A 105 13.36 -16.22 6.19
CA PHE A 105 12.69 -15.58 5.08
C PHE A 105 11.32 -15.17 5.54
N HIS A 106 10.94 -13.90 5.38
CA HIS A 106 9.64 -13.46 5.84
C HIS A 106 8.75 -13.17 4.62
N TYR A 107 7.46 -13.45 4.76
CA TYR A 107 6.50 -13.16 3.69
C TYR A 107 6.51 -11.69 3.33
N TYR A 108 6.72 -10.79 4.32
CA TYR A 108 6.70 -9.35 3.97
C TYR A 108 7.84 -8.95 3.04
N GLU A 109 8.88 -9.77 2.92
CA GLU A 109 10.03 -9.43 2.06
C GLU A 109 9.72 -9.68 0.57
N GLY A 110 8.60 -10.36 0.30
CA GLY A 110 8.20 -10.66 -1.09
C GLY A 110 8.40 -12.11 -1.46
N TYR A 111 8.94 -12.92 -0.55
CA TYR A 111 9.08 -14.36 -0.78
C TYR A 111 7.70 -15.03 -0.87
N SER A 112 7.56 -16.03 -1.74
CA SER A 112 6.36 -16.85 -1.74
C SER A 112 6.35 -17.70 -0.48
N ASP A 114 6.01 -20.85 -0.45
CA ASP A 114 6.88 -22.00 -0.77
C ASP A 114 8.34 -21.67 -0.44
N GLN A 115 8.79 -20.48 -0.79
CA GLN A 115 10.16 -20.04 -0.44
C GLN A 115 10.39 -19.87 1.06
N VAL A 116 9.40 -19.28 1.75
CA VAL A 116 9.50 -19.07 3.19
C VAL A 116 9.68 -20.41 3.92
N THR A 117 8.98 -21.44 3.45
CA THR A 117 8.88 -22.68 4.22
C THR A 117 9.72 -23.82 3.64
N PHE A 118 10.31 -23.58 2.47
CA PHE A 118 11.18 -24.59 1.82
C PHE A 118 12.20 -25.24 2.77
N PRO A 119 12.94 -24.43 3.58
CA PRO A 119 13.94 -25.02 4.45
C PRO A 119 13.39 -26.03 5.46
N ILE A 120 12.13 -25.86 5.87
CA ILE A 120 11.52 -26.76 6.83
C ILE A 120 11.39 -28.17 6.24
N ARG A 121 10.97 -28.24 4.98
CA ARG A 121 10.85 -29.53 4.33
C ARG A 121 12.23 -30.13 4.07
N VAL A 122 13.22 -29.27 3.80
CA VAL A 122 14.59 -29.76 3.67
C VAL A 122 15.04 -30.38 5.01
N LYS A 124 13.19 -31.80 7.22
CA LYS A 124 12.54 -33.12 7.34
C LYS A 124 13.36 -34.20 6.62
N LEU A 125 13.81 -33.90 5.40
CA LEU A 125 14.58 -34.87 4.61
C LEU A 125 15.94 -35.19 5.22
N LEU A 126 16.47 -34.27 6.03
CA LEU A 126 17.69 -34.52 6.79
C LEU A 126 17.48 -35.38 8.05
N GLY A 127 16.23 -35.68 8.38
CA GLY A 127 15.92 -36.50 9.57
C GLY A 127 15.63 -35.66 10.81
N ILE A 128 15.47 -34.36 10.61
CA ILE A 128 15.09 -33.48 11.73
C ILE A 128 13.69 -33.88 12.21
N GLU A 129 13.56 -34.06 13.53
CA GLU A 129 12.31 -34.47 14.16
C GLU A 129 11.64 -33.34 14.90
N ASN A 130 12.44 -32.36 15.32
CA ASN A 130 11.96 -31.26 16.16
C ASN A 130 12.40 -29.92 15.59
N LEU A 131 11.53 -28.92 15.70
CA LEU A 131 11.84 -27.56 15.24
C LEU A 131 11.61 -26.61 16.40
N PHE A 132 12.65 -25.87 16.76
CA PHE A 132 12.55 -24.83 17.76
C PHE A 132 12.60 -23.51 17.03
N VAL A 133 11.77 -22.56 17.43
CA VAL A 133 11.77 -21.27 16.74
C VAL A 133 11.53 -20.14 17.72
N SER A 134 12.21 -19.02 17.51
CA SER A 134 11.90 -17.83 18.29
C SER A 134 11.44 -16.73 17.33
N ASN A 135 10.83 -15.70 17.88
CA ASN A 135 10.51 -14.51 17.11
C ASN A 135 10.33 -13.31 18.04
N ALA A 136 10.18 -12.15 17.45
CA ALA A 136 9.83 -10.93 18.21
C ALA A 136 8.34 -10.72 18.02
N ALA A 137 7.66 -10.20 19.04
CA ALA A 137 6.22 -10.00 18.93
C ALA A 137 5.80 -8.84 19.80
N GLY A 138 4.75 -8.13 19.38
CA GLY A 138 4.20 -7.05 20.19
C GLY A 138 3.13 -7.62 21.13
N GLY A 139 3.20 -7.26 22.40
CA GLY A 139 2.17 -7.71 23.37
C GLY A 139 0.83 -7.07 23.10
N ILE A 140 -0.22 -7.88 23.10
CA ILE A 140 -1.60 -7.39 22.91
C ILE A 140 -2.51 -7.79 24.05
N ASN A 141 -1.92 -8.42 25.05
CA ASN A 141 -2.59 -8.65 26.30
C ASN A 141 -1.81 -7.88 27.34
N THR A 142 -2.48 -7.17 28.23
CA THR A 142 -1.77 -6.27 29.15
C THR A 142 -0.88 -6.99 30.16
N SER A 143 -0.99 -8.30 30.28
CA SER A 143 -0.10 -9.02 31.19
CA SER A 143 -0.12 -9.09 31.15
C SER A 143 1.25 -9.32 30.51
N PHE A 144 1.36 -8.98 29.22
CA PHE A 144 2.60 -9.24 28.47
C PHE A 144 3.34 -7.94 28.21
N LYS A 145 4.49 -7.80 28.88
CA LYS A 145 5.24 -6.54 28.91
C LYS A 145 6.55 -6.66 28.17
N VAL A 146 7.10 -5.52 27.74
CA VAL A 146 8.39 -5.53 27.07
C VAL A 146 9.42 -6.32 27.87
N GLY A 147 10.11 -7.25 27.19
CA GLY A 147 11.15 -8.03 27.81
C GLY A 147 10.64 -9.39 28.27
N ASP A 148 9.32 -9.58 28.31
CA ASP A 148 8.79 -10.88 28.74
C ASP A 148 9.11 -11.95 27.69
N LEU A 149 9.31 -13.18 28.14
CA LEU A 149 9.59 -14.29 27.23
C LEU A 149 8.35 -15.16 27.24
N ILE A 151 6.27 -18.39 26.00
CA ILE A 151 6.16 -19.69 25.32
C ILE A 151 4.91 -19.66 24.45
N ILE A 152 5.04 -20.04 23.19
CA ILE A 152 3.87 -20.03 22.30
C ILE A 152 3.06 -21.31 22.51
N ASP A 154 -0.22 -21.59 21.20
CA ASP A 154 -1.11 -21.74 20.04
C ASP A 154 -0.91 -20.52 19.16
N HIS A 155 -1.45 -20.55 17.95
CA HIS A 155 -1.39 -19.38 17.11
C HIS A 155 -2.69 -19.13 16.36
N ILE A 156 -2.80 -17.93 15.81
CA ILE A 156 -3.85 -17.59 14.87
C ILE A 156 -3.12 -17.15 13.60
N ASN A 157 -3.43 -17.84 12.49
CA ASN A 157 -2.79 -17.51 11.23
C ASN A 157 -3.57 -16.45 10.46
N ASN A 158 -2.98 -15.27 10.28
CA ASN A 158 -3.55 -14.29 9.34
C ASN A 158 -2.63 -14.00 8.15
N LEU A 159 -1.71 -14.91 7.85
CA LEU A 159 -0.95 -14.86 6.59
C LEU A 159 -1.54 -15.91 5.66
N PRO A 160 -1.26 -15.83 4.34
CA PRO A 160 -1.73 -16.89 3.45
C PRO A 160 -1.24 -18.28 3.91
N ASN A 161 -2.12 -19.26 3.89
CA ASN A 161 -1.71 -20.60 4.30
C ASN A 161 -0.68 -21.17 3.33
N PRO A 162 0.48 -21.62 3.83
CA PRO A 162 1.59 -22.05 2.97
C PRO A 162 1.35 -23.36 2.20
N LEU A 163 0.30 -24.10 2.60
CA LEU A 163 0.00 -25.41 1.98
C LEU A 163 -0.97 -25.30 0.83
N ILE A 164 -1.44 -24.09 0.55
CA ILE A 164 -2.31 -23.90 -0.62
C ILE A 164 -1.56 -24.36 -1.87
N GLY A 165 -2.25 -25.18 -2.68
CA GLY A 165 -1.66 -25.82 -3.86
C GLY A 165 -1.75 -27.33 -3.74
N PRO A 166 -1.34 -28.05 -4.79
CA PRO A 166 -1.40 -29.49 -4.75
C PRO A 166 -0.66 -30.01 -3.54
N ASN A 167 -1.23 -30.99 -2.87
CA ASN A 167 -0.57 -31.57 -1.72
C ASN A 167 0.67 -32.37 -2.11
N ASP A 169 2.44 -35.33 -1.12
CA ASP A 169 2.26 -36.55 -0.34
C ASP A 169 3.54 -37.02 0.31
N PHE A 171 5.46 -35.34 1.93
CA PHE A 171 5.62 -34.68 3.22
C PHE A 171 4.47 -34.88 4.21
N GLY A 172 3.25 -35.02 3.72
CA GLY A 172 2.13 -35.17 4.65
C GLY A 172 0.79 -35.20 3.94
N VAL A 173 -0.28 -35.19 4.73
CA VAL A 173 -1.63 -35.42 4.20
C VAL A 173 -2.25 -34.13 3.68
N ARG A 174 -3.34 -34.24 2.96
CA ARG A 174 -3.99 -33.06 2.39
C ARG A 174 -4.48 -32.07 3.45
N PHE A 175 -5.08 -32.59 4.53
CA PHE A 175 -5.68 -31.73 5.56
C PHE A 175 -5.04 -32.02 6.91
N PRO A 176 -3.90 -31.38 7.20
CA PRO A 176 -3.24 -31.70 8.47
C PRO A 176 -3.93 -31.10 9.69
N ASP A 177 -3.91 -31.87 10.76
CA ASP A 177 -4.45 -31.46 12.04
C ASP A 177 -3.55 -30.41 12.71
N THR A 179 -4.40 -29.27 16.12
CA THR A 179 -5.05 -29.11 17.41
C THR A 179 -4.05 -28.74 18.50
N ARG A 180 -2.84 -29.33 18.44
CA ARG A 180 -1.73 -29.01 19.35
C ARG A 180 -0.48 -28.78 18.52
N ALA A 181 -0.49 -27.70 17.74
CA ALA A 181 0.63 -27.43 16.87
C ALA A 181 1.90 -27.21 17.69
N TYR A 182 1.73 -26.68 18.89
CA TYR A 182 2.88 -26.43 19.77
C TYR A 182 2.93 -27.56 20.80
N ASP A 183 3.93 -28.42 20.64
CA ASP A 183 4.01 -29.67 21.39
C ASP A 183 3.87 -29.45 22.89
N ARG A 184 2.93 -30.14 23.52
CA ARG A 184 2.69 -29.92 24.95
CA ARG A 184 2.67 -29.94 24.96
C ARG A 184 3.83 -30.44 25.82
N GLU A 185 4.46 -31.53 25.41
CA GLU A 185 5.58 -32.07 26.19
CA GLU A 185 5.56 -32.07 26.19
C GLU A 185 6.76 -31.11 26.16
N PHE A 186 6.99 -30.46 25.01
CA PHE A 186 8.10 -29.49 24.90
C PHE A 186 7.81 -28.28 25.78
N ILE A 187 6.54 -27.85 25.80
CA ILE A 187 6.12 -26.75 26.66
C ILE A 187 6.38 -27.09 28.13
N ALA A 188 5.99 -28.28 28.55
CA ALA A 188 6.19 -28.69 29.94
C ALA A 188 7.68 -28.72 30.27
N LYS A 189 8.48 -29.23 29.36
CA LYS A 189 9.90 -29.26 29.59
C LYS A 189 10.53 -27.88 29.67
N ALA A 190 10.09 -27.02 28.77
CA ALA A 190 10.61 -25.65 28.76
C ALA A 190 10.23 -24.92 30.05
N LYS A 191 9.01 -25.13 30.54
CA LYS A 191 8.62 -24.51 31.82
C LYS A 191 9.49 -24.98 32.98
N GLY A 192 9.75 -26.28 33.00
CA GLY A 192 10.63 -26.87 34.02
C GLY A 192 12.03 -26.29 33.93
N ILE A 193 12.55 -26.16 32.71
CA ILE A 193 13.87 -25.58 32.48
C ILE A 193 13.92 -24.13 32.93
N ALA A 194 12.91 -23.34 32.56
CA ALA A 194 12.86 -21.93 32.98
C ALA A 194 12.87 -21.83 34.51
N GLN A 195 12.12 -22.70 35.19
CA GLN A 195 12.09 -22.71 36.66
CA GLN A 195 12.09 -22.68 36.64
C GLN A 195 13.46 -23.00 37.22
N GLU A 196 14.11 -24.05 36.69
CA GLU A 196 15.44 -24.44 37.16
C GLU A 196 16.42 -23.29 36.99
N LEU A 197 16.30 -22.58 35.87
CA LEU A 197 17.23 -21.50 35.54
C LEU A 197 16.83 -20.15 36.14
N ASN A 198 15.70 -20.14 36.86
CA ASN A 198 15.23 -18.94 37.51
C ASN A 198 14.91 -17.85 36.48
N ILE A 199 14.37 -18.27 35.33
CA ILE A 199 13.99 -17.31 34.27
C ILE A 199 12.49 -17.30 34.20
N PRO A 200 11.87 -16.12 34.45
CA PRO A 200 10.42 -16.08 34.38
C PRO A 200 9.95 -16.24 32.95
N VAL A 201 8.86 -16.98 32.76
CA VAL A 201 8.27 -17.11 31.42
C VAL A 201 6.77 -16.92 31.47
N LYS A 202 6.23 -16.50 30.34
CA LYS A 202 4.79 -16.35 30.15
C LYS A 202 4.41 -17.40 29.10
N GLU A 203 3.12 -17.58 28.88
CA GLU A 203 2.65 -18.53 27.90
C GLU A 203 1.44 -17.90 27.23
N GLY A 204 1.35 -17.99 25.90
CA GLY A 204 0.21 -17.41 25.23
C GLY A 204 0.10 -17.65 23.75
N VAL A 205 -0.87 -16.97 23.15
CA VAL A 205 -1.24 -17.18 21.77
C VAL A 205 -0.55 -16.16 20.87
N TYR A 206 0.12 -16.63 19.83
CA TYR A 206 0.81 -15.76 18.89
C TYR A 206 -0.06 -15.55 17.67
N VAL A 207 -0.24 -14.30 17.27
CA VAL A 207 -1.04 -13.98 16.08
C VAL A 207 -0.05 -13.63 14.98
N GLY A 208 -0.13 -14.31 13.84
CA GLY A 208 0.79 -14.01 12.73
C GLY A 208 0.12 -13.15 11.70
N LEU A 209 0.72 -11.98 11.43
CA LEU A 209 0.24 -11.07 10.40
C LEU A 209 1.33 -10.93 9.37
N THR A 210 1.01 -10.45 8.18
CA THR A 210 2.07 -10.30 7.18
C THR A 210 3.05 -9.17 7.52
N GLY A 211 2.56 -8.07 8.10
CA GLY A 211 3.35 -6.82 8.10
C GLY A 211 3.53 -6.34 6.67
N PRO A 212 4.57 -5.51 6.41
CA PRO A 212 5.66 -5.14 7.32
C PRO A 212 5.41 -3.92 8.19
N SER A 213 4.33 -3.17 7.94
CA SER A 213 4.01 -2.08 8.88
C SER A 213 3.57 -2.66 10.22
N TYR A 214 3.95 -1.99 11.31
CA TYR A 214 3.44 -2.37 12.62
C TYR A 214 1.95 -2.07 12.67
N GLU A 215 1.26 -2.68 13.60
CA GLU A 215 -0.20 -2.58 13.62
C GLU A 215 -0.67 -1.22 14.12
N THR A 216 -1.89 -0.87 13.74
CA THR A 216 -2.57 0.26 14.36
C THR A 216 -3.13 -0.15 15.73
N PRO A 217 -3.41 0.83 16.60
CA PRO A 217 -4.04 0.48 17.87
C PRO A 217 -5.36 -0.30 17.67
N ALA A 218 -6.14 0.06 16.65
CA ALA A 218 -7.39 -0.68 16.39
C ALA A 218 -7.12 -2.15 16.04
N GLU A 219 -6.06 -2.40 15.27
CA GLU A 219 -5.69 -3.77 14.93
C GLU A 219 -5.19 -4.52 16.15
N TYR A 220 -4.33 -3.87 16.94
CA TYR A 220 -3.81 -4.52 18.16
C TYR A 220 -4.98 -4.88 19.07
N LYS A 221 -5.92 -3.96 19.23
CA LYS A 221 -7.09 -4.17 20.10
C LYS A 221 -7.95 -5.34 19.62
N PHE A 222 -8.23 -5.36 18.32
CA PHE A 222 -8.98 -6.45 17.70
C PHE A 222 -8.35 -7.80 18.02
N TRP A 223 -7.06 -7.96 17.71
CA TRP A 223 -6.42 -9.26 17.91
C TRP A 223 -6.35 -9.66 19.37
N GLY A 224 -6.19 -8.69 20.27
CA GLY A 224 -6.22 -8.99 21.70
C GLY A 224 -7.61 -9.44 22.13
N GLN A 225 -8.62 -8.79 21.59
CA GLN A 225 -10.00 -9.10 21.96
C GLN A 225 -10.41 -10.53 21.60
N VAL A 226 -9.90 -11.03 20.48
CA VAL A 226 -10.28 -12.36 20.01
C VAL A 226 -9.31 -13.46 20.48
N GLY A 227 -8.46 -13.14 21.45
CA GLY A 227 -7.68 -14.17 22.15
C GLY A 227 -6.19 -14.20 21.87
N GLY A 228 -5.70 -13.26 21.06
CA GLY A 228 -4.25 -13.17 20.81
C GLY A 228 -3.54 -12.57 22.01
N ASP A 229 -2.31 -12.99 22.25
CA ASP A 229 -1.50 -12.41 23.34
C ASP A 229 -0.32 -11.60 22.84
N ALA A 230 0.18 -11.99 21.68
CA ALA A 230 1.29 -11.27 21.04
C ALA A 230 1.14 -11.37 19.53
N ILE A 231 1.64 -10.36 18.79
CA ILE A 231 1.52 -10.34 17.33
C ILE A 231 2.88 -10.23 16.69
N GLY A 232 3.15 -11.05 15.68
CA GLY A 232 4.41 -10.99 14.94
C GLY A 232 4.21 -11.24 13.47
N SER A 234 6.12 -13.57 11.58
CA SER A 234 6.81 -14.77 11.10
C SER A 234 6.22 -16.03 11.70
N THR A 235 6.92 -17.14 11.48
CA THR A 235 6.78 -18.35 12.32
C THR A 235 5.59 -19.25 11.99
N VAL A 236 4.40 -18.67 11.95
CA VAL A 236 3.18 -19.41 11.61
C VAL A 236 3.30 -20.25 10.33
N PRO A 237 3.86 -19.69 9.22
CA PRO A 237 4.00 -20.54 8.02
C PRO A 237 4.90 -21.75 8.25
N GLU A 238 6.05 -21.54 8.89
CA GLU A 238 6.97 -22.66 9.19
C GLU A 238 6.32 -23.68 10.07
N VAL A 239 5.53 -23.24 11.04
CA VAL A 239 4.84 -24.17 11.97
C VAL A 239 3.81 -25.02 11.24
N ILE A 240 3.03 -24.40 10.36
CA ILE A 240 2.06 -25.16 9.57
C ILE A 240 2.78 -26.24 8.74
N VAL A 241 3.84 -25.84 8.05
CA VAL A 241 4.60 -26.78 7.23
C VAL A 241 5.29 -27.87 8.08
N ALA A 242 5.86 -27.48 9.22
CA ALA A 242 6.45 -28.48 10.11
C ALA A 242 5.42 -29.51 10.57
N ARG A 243 4.25 -29.04 10.98
CA ARG A 243 3.23 -29.96 11.48
C ARG A 243 2.69 -30.84 10.38
N HIS A 244 2.57 -30.28 9.19
CA HIS A 244 2.15 -31.07 8.02
C HIS A 244 3.07 -32.28 7.83
N THR A 245 4.35 -32.13 8.15
CA THR A 245 5.26 -33.25 7.95
C THR A 245 5.71 -33.93 9.26
N GLY A 246 4.94 -33.70 10.33
CA GLY A 246 5.07 -34.44 11.58
C GLY A 246 6.19 -33.98 12.50
N ILE A 247 6.80 -32.83 12.18
CA ILE A 247 7.87 -32.31 13.03
C ILE A 247 7.24 -31.67 14.27
N ARG A 248 7.81 -31.97 15.43
CA ARG A 248 7.34 -31.42 16.70
C ARG A 248 7.92 -30.03 16.91
N VAL A 249 7.09 -29.10 17.36
CA VAL A 249 7.41 -27.66 17.35
C VAL A 249 7.43 -27.10 18.75
N PHE A 250 8.49 -26.36 19.06
CA PHE A 250 8.52 -25.48 20.21
C PHE A 250 8.82 -24.07 19.75
N GLY A 251 8.04 -23.12 20.26
CA GLY A 251 8.21 -21.71 19.86
C GLY A 251 8.17 -20.76 21.05
N SER A 253 8.20 -16.33 21.89
CA SER A 253 8.29 -14.92 21.44
C SER A 253 8.97 -14.11 22.50
N VAL A 254 9.84 -13.20 22.08
CA VAL A 254 10.24 -12.11 22.97
C VAL A 254 9.20 -11.02 22.78
N ILE A 255 8.59 -10.56 23.88
CA ILE A 255 7.70 -9.40 23.81
C ILE A 255 8.59 -8.16 23.70
N THR A 256 8.60 -7.55 22.50
CA THR A 256 9.60 -6.51 22.20
C THR A 256 9.01 -5.12 22.32
N ASN A 257 7.68 -5.05 22.43
CA ASN A 257 6.94 -3.80 22.43
C ASN A 257 5.54 -4.10 22.91
N GLU A 258 4.85 -3.06 23.37
CA GLU A 258 3.52 -3.22 23.93
C GLU A 258 2.55 -2.53 22.98
N GLY A 259 1.66 -3.32 22.41
CA GLY A 259 0.64 -2.80 21.53
C GLY A 259 -0.63 -2.43 22.28
N TYR A 260 -0.48 -1.62 23.33
CA TYR A 260 -1.60 -1.19 24.17
C TYR A 260 -1.11 -0.06 25.07
N HIS A 261 -2.04 0.70 25.64
CA HIS A 261 -1.73 1.81 26.54
C HIS A 261 -0.72 2.76 25.91
N PHE A 262 -1.02 3.23 24.71
CA PHE A 262 -0.06 4.02 23.94
C PHE A 262 0.04 5.44 24.50
N ALA A 263 1.26 5.86 24.79
CA ALA A 263 1.54 7.24 25.17
C ALA A 263 1.23 8.11 23.95
N ASP A 264 0.94 9.38 24.20
CA ASP A 264 0.57 10.30 23.12
C ASP A 264 1.63 10.43 22.02
N ASP A 265 2.89 10.19 22.37
CA ASP A 265 3.95 10.32 21.39
C ASP A 265 4.62 8.99 21.06
N PHE A 266 4.07 7.89 21.54
CA PHE A 266 4.66 6.58 21.27
C PHE A 266 4.81 6.27 19.79
N VAL A 267 5.99 5.81 19.38
CA VAL A 267 6.13 5.24 18.03
C VAL A 267 6.82 3.89 18.17
N ASN A 268 6.37 2.91 17.40
CA ASN A 268 7.09 1.66 17.25
C ASN A 268 8.33 1.92 16.39
N ASP A 269 9.38 1.15 16.61
CA ASP A 269 10.66 1.42 15.95
C ASP A 269 11.44 0.13 15.92
N GLU A 270 11.89 -0.26 14.74
CA GLU A 270 12.67 -1.50 14.57
C GLU A 270 13.86 -1.58 15.54
N GLN A 271 14.58 -0.47 15.70
CA GLN A 271 15.75 -0.44 16.60
C GLN A 271 15.36 -0.72 18.05
N ASP A 272 14.18 -0.26 18.46
CA ASP A 272 13.67 -0.58 19.79
C ASP A 272 13.25 -2.03 19.93
N VAL A 273 12.66 -2.59 18.88
CA VAL A 273 12.34 -4.02 18.86
C VAL A 273 13.62 -4.85 18.99
N ILE A 274 14.65 -4.48 18.22
CA ILE A 274 15.92 -5.18 18.26
C ILE A 274 16.58 -5.00 19.63
N ARG A 275 16.41 -3.83 20.24
CA ARG A 275 16.95 -3.62 21.60
C ARG A 275 16.41 -4.68 22.57
N ALA A 276 15.10 -4.86 22.53
CA ALA A 276 14.46 -5.83 23.41
C ALA A 276 14.87 -7.24 23.03
N ALA A 277 14.92 -7.54 21.73
CA ALA A 277 15.37 -8.86 21.28
C ALA A 277 16.79 -9.18 21.76
N ASN A 278 17.68 -8.20 21.65
CA ASN A 278 19.06 -8.36 22.11
C ASN A 278 19.13 -8.59 23.60
N ALA A 279 18.36 -7.78 24.34
CA ALA A 279 18.34 -7.86 25.80
C ALA A 279 17.81 -9.23 26.29
N ALA A 280 16.89 -9.83 25.54
CA ALA A 280 16.32 -11.13 25.88
C ALA A 280 17.19 -12.32 25.46
N SER A 281 18.18 -12.07 24.60
CA SER A 281 18.88 -13.19 23.94
C SER A 281 19.60 -14.13 24.91
N GLU A 282 20.20 -13.59 25.97
CA GLU A 282 20.94 -14.47 26.90
C GLU A 282 20.01 -15.47 27.59
N LYS A 283 18.99 -14.88 28.13
CA LYS A 283 18.09 -15.78 28.81
CA LYS A 283 18.09 -15.78 28.79
C LYS A 283 17.15 -16.85 27.96
N GLY A 285 18.11 -17.71 25.01
CA GLY A 285 19.10 -18.67 24.50
C GLY A 285 19.38 -19.77 25.52
N ALA A 286 19.42 -19.40 26.80
CA ALA A 286 19.70 -20.40 27.85
C ALA A 286 18.61 -21.46 27.88
N ILE A 287 17.36 -21.04 27.69
CA ILE A 287 16.22 -21.99 27.69
C ILE A 287 16.29 -22.93 26.49
N PHE A 288 16.48 -22.37 25.29
CA PHE A 288 16.57 -23.18 24.07
C PHE A 288 17.76 -24.15 24.13
N ALA A 289 18.90 -23.66 24.64
CA ALA A 289 20.11 -24.49 24.75
C ALA A 289 19.91 -25.66 25.71
N ARG A 290 19.20 -25.45 26.82
CA ARG A 290 18.92 -26.54 27.76
C ARG A 290 17.84 -27.48 27.20
N LEU A 291 16.91 -26.94 26.41
CA LEU A 291 15.82 -27.74 25.90
C LEU A 291 16.28 -28.77 24.87
N ILE A 292 17.28 -28.41 24.07
CA ILE A 292 17.73 -29.30 23.02
C ILE A 292 18.13 -30.71 23.53
N ALA A 293 18.82 -30.81 24.67
CA ALA A 293 19.21 -32.14 25.17
C ALA A 293 18.04 -32.89 25.78
N ALA A 294 17.00 -32.16 26.17
CA ALA A 294 15.85 -32.77 26.84
C ALA A 294 14.84 -33.41 25.90
N VAL A 295 14.87 -33.06 24.62
CA VAL A 295 13.84 -33.53 23.70
C VAL A 295 14.19 -34.85 23.00
N GLN B 21 19.12 -2.83 -9.47
CA GLN B 21 18.56 -3.87 -10.38
C GLN B 21 17.05 -3.67 -10.59
N SER B 22 16.25 -4.42 -9.84
CA SER B 22 14.80 -4.25 -9.85
C SER B 22 14.42 -2.98 -9.08
N LYS B 24 16.41 -0.29 -8.96
CA LYS B 24 16.79 0.74 -9.93
C LYS B 24 15.61 1.13 -10.81
N LEU B 25 14.97 0.12 -11.40
CA LEU B 25 13.85 0.30 -12.33
C LEU B 25 12.62 0.90 -11.64
N GLN B 26 12.34 0.45 -10.43
CA GLN B 26 11.23 1.00 -9.67
C GLN B 26 11.49 2.46 -9.34
N GLU B 27 12.68 2.79 -8.84
CA GLU B 27 13.00 4.19 -8.52
C GLU B 27 12.84 5.05 -9.76
N GLN B 28 13.33 4.55 -10.89
CA GLN B 28 13.23 5.28 -12.16
C GLN B 28 11.78 5.60 -12.52
N HIS B 29 10.88 4.64 -12.31
CA HIS B 29 9.45 4.84 -12.60
C HIS B 29 8.84 5.95 -11.76
N TYR B 30 9.13 5.99 -10.47
CA TYR B 30 8.62 7.06 -9.62
C TYR B 30 9.17 8.42 -10.10
N HIS B 31 10.46 8.47 -10.40
CA HIS B 31 11.09 9.70 -10.87
C HIS B 31 10.47 10.18 -12.18
N GLU B 32 10.18 9.25 -13.07
CA GLU B 32 9.60 9.61 -14.37
C GLU B 32 8.21 10.24 -14.22
N ALA B 33 7.40 9.67 -13.33
CA ALA B 33 6.06 10.21 -13.06
C ALA B 33 6.18 11.60 -12.43
N ALA B 34 7.06 11.72 -11.44
CA ALA B 34 7.21 12.98 -10.72
C ALA B 34 7.73 14.09 -11.65
N SER B 35 8.72 13.77 -12.47
CA SER B 35 9.32 14.76 -13.40
C SER B 35 8.30 15.26 -14.39
N PHE B 36 7.48 14.34 -14.89
CA PHE B 36 6.40 14.69 -15.81
C PHE B 36 5.43 15.67 -15.13
N LEU B 37 5.02 15.35 -13.91
CA LEU B 37 4.13 16.24 -13.18
C LEU B 37 4.79 17.57 -12.80
N SER B 38 6.04 17.54 -12.32
CA SER B 38 6.64 18.78 -11.82
C SER B 38 6.93 19.77 -12.95
N SER B 39 7.10 19.27 -14.17
CA SER B 39 7.30 20.20 -15.29
C SER B 39 5.98 20.90 -15.68
N ARG B 40 4.87 20.43 -15.13
CA ARG B 40 3.54 20.92 -15.50
C ARG B 40 2.76 21.59 -14.38
N LEU B 41 2.97 21.16 -13.15
CA LEU B 41 2.24 21.72 -12.00
C LEU B 41 2.87 23.04 -11.50
N PRO B 42 2.09 23.85 -10.74
CA PRO B 42 2.60 25.09 -10.18
C PRO B 42 3.84 24.86 -9.30
N GLY B 43 3.84 23.75 -8.57
CA GLY B 43 5.00 23.33 -7.76
C GLY B 43 5.02 23.93 -6.35
N ASP B 44 3.90 24.53 -5.95
CA ASP B 44 3.82 25.13 -4.61
C ASP B 44 2.92 24.37 -3.64
N ALA B 45 2.30 23.28 -4.10
CA ALA B 45 1.38 22.53 -3.23
C ALA B 45 2.16 21.72 -2.18
N LYS B 46 1.67 21.74 -0.94
CA LYS B 46 2.15 20.85 0.11
C LYS B 46 1.12 19.83 0.57
N THR B 47 -0.10 19.97 0.06
CA THR B 47 -1.20 19.07 0.44
C THR B 47 -1.79 18.48 -0.82
N ALA B 48 -1.98 17.16 -0.83
CA ALA B 48 -2.69 16.51 -1.91
C ALA B 48 -4.00 15.97 -1.35
N ILE B 49 -5.02 15.89 -2.20
CA ILE B 49 -6.32 15.41 -1.78
C ILE B 49 -6.79 14.33 -2.74
N ILE B 50 -7.15 13.17 -2.19
CA ILE B 50 -7.81 12.14 -2.98
C ILE B 50 -9.30 12.47 -2.97
N LEU B 51 -9.82 12.80 -4.16
CA LEU B 51 -11.23 13.17 -4.31
C LEU B 51 -12.11 11.93 -4.34
N GLY B 52 -12.28 11.30 -3.17
CA GLY B 52 -13.11 10.12 -3.05
C GLY B 52 -14.59 10.51 -2.98
N SER B 53 -15.43 9.53 -2.65
CA SER B 53 -16.84 9.78 -2.41
C SER B 53 -16.95 10.85 -1.32
N GLY B 54 -17.88 11.77 -1.49
CA GLY B 54 -18.10 12.84 -0.53
C GLY B 54 -17.36 14.10 -0.89
N LEU B 55 -16.48 14.02 -1.90
CA LEU B 55 -15.73 15.18 -2.38
C LEU B 55 -16.02 15.47 -3.86
N GLY B 56 -17.20 15.07 -4.32
CA GLY B 56 -17.59 15.18 -5.73
C GLY B 56 -17.83 16.60 -6.23
N GLU B 57 -17.87 17.56 -5.31
CA GLU B 57 -18.05 18.95 -5.68
C GLU B 57 -16.75 19.75 -5.54
N LEU B 58 -15.70 19.11 -5.02
CA LEU B 58 -14.48 19.85 -4.66
C LEU B 58 -13.63 20.27 -5.86
N ALA B 59 -13.49 19.41 -6.86
CA ALA B 59 -12.66 19.76 -8.02
C ALA B 59 -13.13 21.06 -8.67
N GLU B 60 -14.45 21.28 -8.73
CA GLU B 60 -15.00 22.49 -9.33
C GLU B 60 -14.63 23.74 -8.51
N LYS B 61 -14.35 23.57 -7.22
CA LYS B 61 -13.95 24.68 -6.35
C LYS B 61 -12.49 25.08 -6.52
N ILE B 62 -11.68 24.20 -7.09
CA ILE B 62 -10.27 24.50 -7.35
C ILE B 62 -10.19 25.58 -8.41
N GLU B 63 -9.43 26.62 -8.12
CA GLU B 63 -9.28 27.74 -9.05
C GLU B 63 -7.95 27.66 -9.77
N ASN B 64 -7.87 28.30 -10.94
CA ASN B 64 -6.66 28.29 -11.76
C ASN B 64 -6.15 26.87 -12.02
N LYS B 65 -7.04 25.99 -12.45
CA LYS B 65 -6.73 24.57 -12.58
C LYS B 65 -5.69 24.28 -13.66
N THR B 66 -4.75 23.41 -13.33
CA THR B 66 -3.92 22.72 -14.31
C THR B 66 -4.38 21.26 -14.25
N VAL B 67 -4.97 20.77 -15.34
CA VAL B 67 -5.54 19.42 -15.37
C VAL B 67 -4.61 18.52 -16.18
N ILE B 68 -4.17 17.42 -15.57
CA ILE B 68 -3.23 16.49 -16.21
C ILE B 68 -3.84 15.10 -16.15
N PRO B 69 -4.31 14.58 -17.30
CA PRO B 69 -4.94 13.27 -17.32
C PRO B 69 -4.01 12.14 -16.88
N TYR B 70 -4.52 11.24 -16.04
CA TYR B 70 -3.71 10.10 -15.59
C TYR B 70 -3.09 9.35 -16.75
N ASN B 71 -3.82 9.22 -17.86
CA ASN B 71 -3.28 8.45 -19.00
C ASN B 71 -2.07 9.08 -19.68
N GLU B 72 -1.72 10.31 -19.30
CA GLU B 72 -0.52 10.94 -19.82
C GLU B 72 0.66 10.80 -18.86
N ILE B 73 0.39 10.42 -17.61
CA ILE B 73 1.47 10.41 -16.61
C ILE B 73 2.19 9.08 -16.66
N PRO B 74 3.51 9.08 -16.87
CA PRO B 74 4.25 7.83 -16.91
C PRO B 74 3.93 6.92 -15.72
N HIS B 75 3.56 5.68 -16.04
CA HIS B 75 3.42 4.60 -15.07
C HIS B 75 2.19 4.67 -14.16
N PHE B 76 1.34 5.68 -14.34
CA PHE B 76 0.04 5.66 -13.67
C PHE B 76 -0.80 4.54 -14.25
N ALA B 77 -1.49 3.80 -13.38
CA ALA B 77 -2.31 2.66 -13.80
C ALA B 77 -3.34 3.05 -14.85
N GLN B 78 -3.58 2.14 -15.78
CA GLN B 78 -4.56 2.35 -16.85
C GLN B 78 -5.99 2.37 -16.31
N ALA B 79 -6.88 3.09 -17.00
CA ALA B 79 -8.30 3.12 -16.64
C ALA B 79 -8.98 1.78 -16.91
N LYS B 85 -13.18 8.87 -15.71
CA LYS B 85 -11.79 9.20 -16.02
C LYS B 85 -10.99 9.73 -14.81
N GLY B 86 -9.69 9.87 -15.00
CA GLY B 86 -8.80 10.25 -13.90
C GLY B 86 -7.87 11.37 -14.28
N ASN B 87 -7.72 12.35 -13.37
CA ASN B 87 -6.87 13.51 -13.61
C ASN B 87 -6.17 13.95 -12.34
N ILE B 88 -4.93 14.38 -12.50
CA ILE B 88 -4.28 15.19 -11.48
C ILE B 88 -4.73 16.62 -11.74
N ILE B 89 -5.15 17.31 -10.69
CA ILE B 89 -5.54 18.70 -10.83
C ILE B 89 -4.72 19.55 -9.88
N GLY B 90 -3.92 20.48 -10.40
CA GLY B 90 -3.26 21.49 -9.55
C GLY B 90 -4.06 22.77 -9.57
N GLY B 91 -3.97 23.54 -8.49
CA GLY B 91 -4.59 24.85 -8.42
C GLY B 91 -4.67 25.35 -7.00
N ILE B 92 -5.64 26.23 -6.76
CA ILE B 92 -5.84 26.85 -5.46
C ILE B 92 -7.19 26.44 -4.90
N LEU B 93 -7.19 25.93 -3.69
CA LEU B 93 -8.42 25.57 -2.98
C LEU B 93 -8.37 26.18 -1.59
N GLY B 94 -9.46 26.80 -1.14
CA GLY B 94 -9.44 27.40 0.21
C GLY B 94 -8.22 28.30 0.40
N GLY B 95 -7.94 29.11 -0.63
CA GLY B 95 -6.83 30.05 -0.63
C GLY B 95 -5.43 29.45 -0.66
N THR B 96 -5.33 28.16 -0.97
CA THR B 96 -4.10 27.41 -0.75
C THR B 96 -3.76 26.50 -1.93
N PRO B 97 -2.48 26.45 -2.33
CA PRO B 97 -2.08 25.48 -3.36
C PRO B 97 -2.43 24.04 -3.02
N VAL B 98 -2.92 23.32 -4.02
CA VAL B 98 -3.31 21.93 -3.80
C VAL B 98 -2.96 21.10 -5.03
N VAL B 99 -2.74 19.81 -4.82
CA VAL B 99 -2.80 18.84 -5.91
C VAL B 99 -3.91 17.86 -5.58
N ALA B 100 -4.87 17.71 -6.48
CA ALA B 100 -5.97 16.77 -6.25
C ALA B 100 -5.85 15.57 -7.18
N GLN B 102 -8.20 13.24 -8.94
CA GLN B 102 -9.58 13.01 -9.34
C GLN B 102 -9.63 11.64 -10.01
N GLY B 103 -10.22 10.67 -9.30
CA GLY B 103 -10.15 9.29 -9.75
C GLY B 103 -9.14 8.57 -8.87
N ARG B 104 -9.49 7.34 -8.50
CA ARG B 104 -8.61 6.56 -7.65
C ARG B 104 -8.64 5.12 -8.11
N PHE B 105 -7.62 4.36 -7.74
CA PHE B 105 -7.53 2.94 -8.15
C PHE B 105 -7.86 2.08 -6.95
N HIS B 106 -8.79 1.15 -7.12
CA HIS B 106 -9.17 0.26 -6.03
C HIS B 106 -8.61 -1.12 -6.26
N TYR B 107 -8.23 -1.78 -5.17
CA TYR B 107 -7.79 -3.15 -5.24
C TYR B 107 -8.86 -4.06 -5.88
N TYR B 108 -10.14 -3.84 -5.61
CA TYR B 108 -11.16 -4.73 -6.19
C TYR B 108 -11.21 -4.69 -7.71
N GLU B 109 -10.59 -3.67 -8.32
CA GLU B 109 -10.62 -3.54 -9.78
CA GLU B 109 -10.59 -3.51 -9.78
C GLU B 109 -9.59 -4.45 -10.44
N GLY B 110 -8.67 -4.99 -9.65
CA GLY B 110 -7.64 -5.88 -10.21
C GLY B 110 -6.25 -5.27 -10.25
N TYR B 111 -6.14 -4.02 -9.79
CA TYR B 111 -4.84 -3.37 -9.68
C TYR B 111 -3.99 -4.02 -8.60
N SER B 112 -2.67 -4.04 -8.79
CA SER B 112 -1.79 -4.48 -7.71
C SER B 112 -1.75 -3.36 -6.69
N ASP B 114 0.90 -2.06 -5.60
CA ASP B 114 1.88 -1.12 -6.14
C ASP B 114 1.19 -0.07 -7.02
N GLN B 115 0.25 -0.52 -7.85
CA GLN B 115 -0.49 0.39 -8.74
C GLN B 115 -1.44 1.28 -7.96
N VAL B 116 -2.13 0.70 -6.97
CA VAL B 116 -3.08 1.45 -6.15
C VAL B 116 -2.38 2.64 -5.48
N THR B 117 -1.16 2.41 -5.00
CA THR B 117 -0.49 3.37 -4.12
C THR B 117 0.63 4.16 -4.80
N PHE B 118 0.98 3.81 -6.04
CA PHE B 118 2.01 4.53 -6.80
C PHE B 118 1.84 6.06 -6.75
N PRO B 119 0.61 6.60 -6.98
CA PRO B 119 0.48 8.06 -6.97
C PRO B 119 0.90 8.71 -5.65
N ILE B 120 0.75 7.99 -4.54
CA ILE B 120 1.13 8.55 -3.22
C ILE B 120 2.63 8.82 -3.15
N ARG B 121 3.43 7.91 -3.68
CA ARG B 121 4.88 8.09 -3.67
C ARG B 121 5.31 9.15 -4.67
N VAL B 122 4.56 9.26 -5.76
CA VAL B 122 4.80 10.36 -6.69
C VAL B 122 4.53 11.70 -5.97
N LYS B 124 4.89 12.32 -2.85
CA LYS B 124 6.02 12.56 -1.95
C LYS B 124 7.17 13.24 -2.70
N LEU B 125 7.49 12.74 -3.89
CA LEU B 125 8.60 13.30 -4.68
C LEU B 125 8.30 14.72 -5.14
N LEU B 126 7.02 15.07 -5.25
CA LEU B 126 6.63 16.46 -5.58
C LEU B 126 6.74 17.43 -4.39
N GLY B 127 7.05 16.89 -3.20
CA GLY B 127 7.13 17.72 -1.99
C GLY B 127 5.87 17.80 -1.18
N ILE B 128 4.89 16.97 -1.52
CA ILE B 128 3.67 16.90 -0.76
C ILE B 128 3.98 16.39 0.64
N GLU B 129 3.45 17.08 1.66
CA GLU B 129 3.67 16.76 3.08
C GLU B 129 2.43 16.18 3.76
N ASN B 130 1.26 16.50 3.20
CA ASN B 130 -0.02 16.13 3.80
C ASN B 130 -0.91 15.48 2.77
N LEU B 131 -1.65 14.45 3.19
CA LEU B 131 -2.61 13.78 2.32
C LEU B 131 -3.97 13.81 2.98
N PHE B 132 -4.96 14.35 2.28
CA PHE B 132 -6.34 14.35 2.75
C PHE B 132 -7.04 13.34 1.86
N VAL B 133 -7.93 12.54 2.46
CA VAL B 133 -8.61 11.53 1.66
C VAL B 133 -10.04 11.37 2.14
N SER B 134 -10.96 11.18 1.20
CA SER B 134 -12.33 10.84 1.57
C SER B 134 -12.70 9.47 0.98
N ASN B 135 -13.77 8.88 1.50
CA ASN B 135 -14.30 7.66 0.93
C ASN B 135 -15.75 7.52 1.33
N ALA B 136 -16.43 6.54 0.73
CA ALA B 136 -17.74 6.09 1.22
C ALA B 136 -17.58 4.86 2.09
N ALA B 137 -18.43 4.72 3.11
CA ALA B 137 -18.35 3.54 3.97
C ALA B 137 -19.71 3.18 4.54
N GLY B 138 -19.89 1.90 4.88
CA GLY B 138 -21.12 1.43 5.51
C GLY B 138 -20.96 1.51 7.01
N GLY B 139 -21.92 2.11 7.70
CA GLY B 139 -21.86 2.22 9.16
C GLY B 139 -22.06 0.84 9.81
N ILE B 140 -21.20 0.52 10.78
CA ILE B 140 -21.30 -0.75 11.52
C ILE B 140 -21.39 -0.53 13.04
N ASN B 141 -21.49 0.74 13.41
CA ASN B 141 -21.80 1.11 14.78
C ASN B 141 -23.14 1.83 14.65
N THR B 142 -24.08 1.50 15.54
CA THR B 142 -25.45 2.00 15.41
C THR B 142 -25.56 3.52 15.60
N SER B 143 -24.53 4.13 16.18
CA SER B 143 -24.43 5.60 16.28
C SER B 143 -24.19 6.27 14.92
N PHE B 144 -23.74 5.50 13.92
CA PHE B 144 -23.35 6.06 12.62
C PHE B 144 -24.43 5.79 11.57
N LYS B 145 -25.06 6.87 11.10
CA LYS B 145 -26.25 6.76 10.25
C LYS B 145 -25.99 7.34 8.87
N VAL B 146 -26.80 6.92 7.88
CA VAL B 146 -26.67 7.41 6.52
C VAL B 146 -26.60 8.95 6.49
N GLY B 147 -25.57 9.47 5.84
CA GLY B 147 -25.35 10.90 5.73
C GLY B 147 -24.40 11.48 6.77
N ASP B 148 -24.07 10.70 7.80
CA ASP B 148 -23.11 11.17 8.78
C ASP B 148 -21.74 11.31 8.12
N LEU B 149 -20.96 12.26 8.62
CA LEU B 149 -19.61 12.51 8.15
C LEU B 149 -18.68 12.07 9.25
N ILE B 151 -14.96 11.49 10.78
CA ILE B 151 -13.52 11.68 10.79
C ILE B 151 -12.89 10.32 11.10
N ILE B 152 -11.93 9.90 10.28
CA ILE B 152 -11.29 8.60 10.51
C ILE B 152 -10.20 8.79 11.56
N ASP B 154 -8.71 6.01 13.11
CA ASP B 154 -7.87 4.82 13.03
C ASP B 154 -8.45 3.88 12.00
N HIS B 155 -7.69 2.84 11.64
CA HIS B 155 -8.21 1.85 10.72
C HIS B 155 -7.83 0.44 11.08
N ILE B 156 -8.54 -0.50 10.48
CA ILE B 156 -8.14 -1.89 10.53
C ILE B 156 -7.96 -2.31 9.08
N ASN B 157 -6.76 -2.78 8.75
CA ASN B 157 -6.48 -3.22 7.40
C ASN B 157 -6.80 -4.69 7.16
N ASN B 158 -7.78 -4.98 6.29
CA ASN B 158 -8.03 -6.36 5.86
C ASN B 158 -7.82 -6.53 4.35
N LEU B 159 -7.08 -5.61 3.73
CA LEU B 159 -6.61 -5.82 2.35
C LEU B 159 -5.14 -6.22 2.46
N PRO B 160 -4.57 -6.79 1.39
CA PRO B 160 -3.13 -7.07 1.42
C PRO B 160 -2.32 -5.82 1.71
N ASN B 161 -1.32 -5.95 2.58
CA ASN B 161 -0.48 -4.81 2.90
C ASN B 161 0.31 -4.34 1.68
N PRO B 162 0.22 -3.02 1.33
CA PRO B 162 0.86 -2.59 0.09
C PRO B 162 2.39 -2.58 0.09
N LEU B 163 3.00 -2.74 1.27
CA LEU B 163 4.46 -2.64 1.38
C LEU B 163 5.14 -4.00 1.29
N ILE B 164 4.37 -5.06 1.16
CA ILE B 164 4.94 -6.40 0.97
C ILE B 164 5.84 -6.37 -0.26
N GLY B 165 7.05 -6.88 -0.10
CA GLY B 165 8.08 -6.80 -1.14
C GLY B 165 9.31 -6.11 -0.58
N PRO B 166 10.38 -6.05 -1.38
CA PRO B 166 11.60 -5.38 -0.92
C PRO B 166 11.30 -3.94 -0.53
N ASN B 167 11.89 -3.45 0.55
CA ASN B 167 11.60 -2.09 0.98
C ASN B 167 12.27 -1.07 0.07
N ASP B 169 13.97 2.08 0.25
CA ASP B 169 14.62 2.97 1.22
C ASP B 169 14.46 4.44 0.86
N PHE B 171 11.90 5.82 0.09
CA PHE B 171 10.65 6.31 0.66
C PHE B 171 10.49 6.19 2.16
N GLY B 172 11.05 5.13 2.75
CA GLY B 172 10.90 4.97 4.19
C GLY B 172 11.56 3.70 4.67
N VAL B 173 11.31 3.38 5.94
CA VAL B 173 11.96 2.26 6.61
C VAL B 173 11.21 0.95 6.38
N ARG B 174 11.86 -0.16 6.72
CA ARG B 174 11.30 -1.48 6.51
C ARG B 174 10.00 -1.70 7.30
N PHE B 175 9.98 -1.24 8.56
CA PHE B 175 8.83 -1.49 9.43
C PHE B 175 8.26 -0.16 9.93
N PRO B 176 7.37 0.47 9.16
CA PRO B 176 6.89 1.76 9.59
C PRO B 176 5.89 1.69 10.73
N ASP B 177 5.99 2.68 11.63
CA ASP B 177 5.04 2.83 12.73
C ASP B 177 3.66 3.27 12.24
N THR B 179 1.09 3.98 14.81
CA THR B 179 0.41 4.21 16.07
C THR B 179 -0.65 5.32 15.98
N ARG B 180 -0.32 6.38 15.25
CA ARG B 180 -1.26 7.47 14.96
C ARG B 180 -1.22 7.74 13.48
N ALA B 181 -1.75 6.79 12.70
CA ALA B 181 -1.72 6.93 11.23
C ALA B 181 -2.52 8.15 10.80
N TYR B 182 -3.56 8.47 11.56
CA TYR B 182 -4.44 9.60 11.27
C TYR B 182 -4.04 10.72 12.20
N ASP B 183 -3.42 11.75 11.62
CA ASP B 183 -2.78 12.80 12.39
C ASP B 183 -3.73 13.44 13.41
N ARG B 184 -3.32 13.46 14.68
CA ARG B 184 -4.20 13.96 15.73
CA ARG B 184 -4.17 13.97 15.75
C ARG B 184 -4.40 15.48 15.65
N GLU B 185 -3.38 16.19 15.21
CA GLU B 185 -3.48 17.64 15.08
C GLU B 185 -4.47 17.97 13.97
N PHE B 186 -4.43 17.24 12.85
CA PHE B 186 -5.39 17.46 11.77
C PHE B 186 -6.81 17.15 12.23
N ILE B 187 -6.98 16.08 13.02
CA ILE B 187 -8.30 15.74 13.54
C ILE B 187 -8.83 16.88 14.42
N ALA B 188 -7.98 17.40 15.30
CA ALA B 188 -8.39 18.48 16.17
C ALA B 188 -8.79 19.72 15.35
N LYS B 189 -8.00 20.05 14.33
CA LYS B 189 -8.34 21.18 13.47
C LYS B 189 -9.67 20.96 12.74
N ALA B 190 -9.86 19.75 12.23
CA ALA B 190 -11.07 19.42 11.50
C ALA B 190 -12.30 19.50 12.40
N LYS B 191 -12.20 18.99 13.63
CA LYS B 191 -13.31 19.12 14.58
C LYS B 191 -13.63 20.60 14.86
N GLY B 192 -12.60 21.41 15.03
CA GLY B 192 -12.78 22.85 15.25
C GLY B 192 -13.45 23.52 14.06
N ILE B 193 -13.04 23.12 12.86
CA ILE B 193 -13.61 23.63 11.62
C ILE B 193 -15.09 23.25 11.50
N ALA B 194 -15.38 21.98 11.78
CA ALA B 194 -16.75 21.49 11.68
C ALA B 194 -17.65 22.25 12.68
N GLN B 195 -17.12 22.53 13.86
CA GLN B 195 -17.88 23.29 14.85
C GLN B 195 -18.14 24.71 14.37
N GLU B 196 -17.09 25.38 13.90
CA GLU B 196 -17.21 26.73 13.35
C GLU B 196 -18.24 26.80 12.24
N LEU B 197 -18.21 25.82 11.35
CA LEU B 197 -19.12 25.80 10.20
C LEU B 197 -20.48 25.20 10.52
N ASN B 198 -20.66 24.74 11.76
CA ASN B 198 -21.95 24.20 12.17
C ASN B 198 -22.33 22.92 11.42
N ILE B 199 -21.30 22.11 11.13
CA ILE B 199 -21.47 20.85 10.43
C ILE B 199 -21.20 19.74 11.45
N PRO B 200 -22.21 18.92 11.75
CA PRO B 200 -21.95 17.86 12.73
C PRO B 200 -21.03 16.80 12.15
N VAL B 201 -20.14 16.26 12.98
CA VAL B 201 -19.27 15.17 12.53
C VAL B 201 -19.22 14.07 13.57
N LYS B 202 -18.87 12.87 13.10
CA LYS B 202 -18.67 11.72 13.94
C LYS B 202 -17.17 11.40 13.83
N GLU B 203 -16.70 10.44 14.61
CA GLU B 203 -15.28 10.08 14.59
C GLU B 203 -15.23 8.60 14.88
N GLY B 204 -14.45 7.87 14.11
CA GLY B 204 -14.38 6.46 14.34
C GLY B 204 -13.42 5.68 13.50
N VAL B 205 -13.49 4.36 13.69
CA VAL B 205 -12.54 3.45 13.07
C VAL B 205 -13.04 2.94 11.74
N TYR B 206 -12.22 3.07 10.72
CA TYR B 206 -12.53 2.59 9.37
C TYR B 206 -11.92 1.21 9.15
N VAL B 207 -12.74 0.25 8.73
CA VAL B 207 -12.27 -1.09 8.41
C VAL B 207 -12.16 -1.19 6.90
N GLY B 208 -10.97 -1.54 6.40
CA GLY B 208 -10.77 -1.66 4.96
C GLY B 208 -10.85 -3.12 4.53
N LEU B 209 -11.83 -3.43 3.67
CA LEU B 209 -11.98 -4.76 3.08
C LEU B 209 -11.74 -4.65 1.59
N THR B 210 -11.44 -5.76 0.93
CA THR B 210 -11.24 -5.70 -0.52
C THR B 210 -12.52 -5.40 -1.30
N GLY B 211 -13.65 -5.92 -0.86
CA GLY B 211 -14.83 -5.97 -1.73
C GLY B 211 -14.54 -6.89 -2.92
N PRO B 212 -15.29 -6.72 -4.04
CA PRO B 212 -16.20 -5.63 -4.33
C PRO B 212 -17.65 -5.88 -3.90
N SER B 213 -17.99 -7.11 -3.49
CA SER B 213 -19.34 -7.34 -2.98
C SER B 213 -19.50 -6.63 -1.64
N TYR B 214 -20.70 -6.10 -1.36
CA TYR B 214 -20.99 -5.56 -0.05
C TYR B 214 -20.97 -6.68 0.96
N GLU B 215 -20.84 -6.34 2.24
CA GLU B 215 -20.66 -7.34 3.28
C GLU B 215 -21.98 -8.05 3.60
N THR B 216 -21.87 -9.26 4.16
CA THR B 216 -23.05 -9.92 4.72
C THR B 216 -23.35 -9.33 6.09
N PRO B 217 -24.58 -9.51 6.59
CA PRO B 217 -24.84 -9.05 7.94
C PRO B 217 -23.88 -9.68 8.97
N ALA B 218 -23.51 -10.94 8.81
CA ALA B 218 -22.57 -11.57 9.72
C ALA B 218 -21.21 -10.88 9.70
N GLU B 219 -20.79 -10.47 8.51
CA GLU B 219 -19.50 -9.77 8.37
C GLU B 219 -19.58 -8.36 8.99
N TYR B 220 -20.66 -7.63 8.70
CA TYR B 220 -20.84 -6.33 9.31
C TYR B 220 -20.82 -6.45 10.84
N LYS B 221 -21.48 -7.48 11.36
CA LYS B 221 -21.59 -7.66 12.80
C LYS B 221 -20.22 -7.98 13.42
N PHE B 222 -19.46 -8.86 12.78
CA PHE B 222 -18.10 -9.21 13.20
C PHE B 222 -17.23 -7.95 13.29
N TRP B 223 -17.18 -7.17 12.22
CA TRP B 223 -16.31 -6.01 12.21
C TRP B 223 -16.73 -4.94 13.22
N GLY B 224 -18.04 -4.81 13.44
CA GLY B 224 -18.56 -3.92 14.48
C GLY B 224 -18.13 -4.40 15.86
N GLN B 225 -18.20 -5.71 16.06
CA GLN B 225 -17.89 -6.30 17.36
C GLN B 225 -16.44 -6.08 17.78
N VAL B 226 -15.53 -6.06 16.82
CA VAL B 226 -14.10 -5.96 17.13
C VAL B 226 -13.58 -4.52 17.01
N GLY B 227 -14.51 -3.56 16.88
CA GLY B 227 -14.19 -2.15 17.10
C GLY B 227 -14.24 -1.27 15.86
N GLY B 228 -14.67 -1.83 14.73
CA GLY B 228 -14.89 -0.99 13.54
C GLY B 228 -16.17 -0.17 13.66
N ASP B 229 -16.16 1.04 13.07
CA ASP B 229 -17.34 1.90 13.04
C ASP B 229 -17.92 2.05 11.65
N ALA B 230 -17.05 1.91 10.65
CA ALA B 230 -17.50 1.94 9.26
C ALA B 230 -16.60 1.04 8.44
N ILE B 231 -17.13 0.54 7.32
CA ILE B 231 -16.38 -0.37 6.43
C ILE B 231 -16.37 0.16 5.01
N GLY B 232 -15.19 0.16 4.40
CA GLY B 232 -15.07 0.56 3.01
C GLY B 232 -14.08 -0.28 2.26
N SER B 234 -11.44 1.10 0.24
CA SER B 234 -10.32 1.90 -0.25
C SER B 234 -9.47 2.46 0.89
N THR B 235 -8.56 3.36 0.55
CA THR B 235 -7.99 4.32 1.51
C THR B 235 -6.87 3.76 2.38
N VAL B 236 -7.14 2.64 3.04
CA VAL B 236 -6.12 2.00 3.88
C VAL B 236 -4.77 1.83 3.16
N PRO B 237 -4.76 1.28 1.92
CA PRO B 237 -3.47 1.09 1.26
C PRO B 237 -2.69 2.41 1.08
N GLU B 238 -3.39 3.45 0.63
CA GLU B 238 -2.76 4.76 0.48
C GLU B 238 -2.25 5.32 1.79
N VAL B 239 -3.01 5.14 2.87
CA VAL B 239 -2.59 5.61 4.19
C VAL B 239 -1.30 4.91 4.65
N ILE B 240 -1.23 3.58 4.49
CA ILE B 240 -0.02 2.84 4.86
C ILE B 240 1.20 3.37 4.11
N VAL B 241 1.05 3.55 2.80
CA VAL B 241 2.15 4.04 1.96
C VAL B 241 2.48 5.51 2.29
N ALA B 242 1.46 6.31 2.58
CA ALA B 242 1.70 7.71 2.98
C ALA B 242 2.51 7.75 4.26
N ARG B 243 2.10 6.97 5.26
CA ARG B 243 2.81 6.98 6.55
C ARG B 243 4.23 6.40 6.43
N HIS B 244 4.40 5.38 5.60
CA HIS B 244 5.72 4.85 5.33
C HIS B 244 6.68 5.96 4.89
N THR B 245 6.15 6.96 4.17
CA THR B 245 7.02 8.01 3.66
C THR B 245 6.83 9.36 4.40
N GLY B 246 6.24 9.28 5.58
CA GLY B 246 6.16 10.41 6.50
C GLY B 246 5.14 11.49 6.17
N ILE B 247 4.23 11.18 5.25
CA ILE B 247 3.17 12.10 4.89
C ILE B 247 2.08 12.06 5.97
N ARG B 248 1.66 13.24 6.41
CA ARG B 248 0.61 13.34 7.42
C ARG B 248 -0.77 13.18 6.77
N VAL B 249 -1.63 12.42 7.43
CA VAL B 249 -2.89 11.97 6.82
C VAL B 249 -4.12 12.48 7.57
N PHE B 250 -5.08 12.96 6.80
CA PHE B 250 -6.43 13.21 7.30
C PHE B 250 -7.42 12.47 6.42
N GLY B 251 -8.37 11.78 7.05
CA GLY B 251 -9.38 11.03 6.27
C GLY B 251 -10.77 11.19 6.84
N SER B 253 -14.92 9.53 6.15
CA SER B 253 -15.88 8.68 5.43
C SER B 253 -17.24 9.35 5.43
N VAL B 254 -17.91 9.32 4.29
CA VAL B 254 -19.35 9.56 4.27
C VAL B 254 -20.00 8.24 4.60
N ILE B 255 -20.84 8.21 5.64
CA ILE B 255 -21.62 7.01 5.93
C ILE B 255 -22.75 6.95 4.91
N THR B 256 -22.62 6.04 3.95
CA THR B 256 -23.55 6.00 2.82
C THR B 256 -24.66 4.97 2.96
N ASN B 257 -24.53 4.09 3.94
CA ASN B 257 -25.49 3.01 4.19
C ASN B 257 -25.26 2.48 5.58
N GLU B 258 -26.25 1.73 6.08
CA GLU B 258 -26.18 1.21 7.42
C GLU B 258 -26.12 -0.30 7.37
N GLY B 259 -25.00 -0.84 7.84
CA GLY B 259 -24.79 -2.29 7.86
C GLY B 259 -25.29 -2.89 9.15
N TYR B 260 -26.50 -2.53 9.53
CA TYR B 260 -27.12 -3.03 10.76
C TYR B 260 -28.63 -2.78 10.67
N HIS B 261 -29.39 -3.44 11.54
CA HIS B 261 -30.85 -3.34 11.57
C HIS B 261 -31.45 -3.48 10.17
N PHE B 262 -31.18 -4.61 9.52
CA PHE B 262 -31.62 -4.80 8.14
C PHE B 262 -33.11 -5.07 8.06
N ALA B 263 -33.84 -4.24 7.30
CA ALA B 263 -35.25 -4.52 6.98
C ALA B 263 -35.33 -5.81 6.18
N ASP B 264 -36.49 -6.46 6.18
CA ASP B 264 -36.67 -7.74 5.49
C ASP B 264 -36.34 -7.67 4.00
N ASP B 265 -36.52 -6.51 3.40
CA ASP B 265 -36.34 -6.36 1.97
C ASP B 265 -35.14 -5.46 1.63
N PHE B 266 -34.38 -5.06 2.63
CA PHE B 266 -33.23 -4.19 2.41
C PHE B 266 -32.25 -4.80 1.42
N VAL B 267 -31.83 -4.00 0.45
CA VAL B 267 -30.67 -4.36 -0.36
C VAL B 267 -29.74 -3.15 -0.41
N ASN B 268 -28.44 -3.41 -0.28
CA ASN B 268 -27.41 -2.43 -0.59
C ASN B 268 -27.45 -2.21 -2.09
N ASP B 269 -27.13 -0.99 -2.51
CA ASP B 269 -27.18 -0.65 -3.92
C ASP B 269 -26.18 0.47 -4.15
N GLU B 270 -25.30 0.29 -5.14
CA GLU B 270 -24.31 1.31 -5.49
C GLU B 270 -24.98 2.64 -5.77
N GLN B 271 -26.19 2.59 -6.34
CA GLN B 271 -26.90 3.83 -6.64
C GLN B 271 -27.30 4.60 -5.39
N ASP B 272 -27.65 3.89 -4.32
CA ASP B 272 -27.97 4.52 -3.04
C ASP B 272 -26.70 5.10 -2.37
N VAL B 273 -25.58 4.39 -2.53
CA VAL B 273 -24.28 4.84 -2.01
C VAL B 273 -23.90 6.16 -2.68
N ILE B 274 -23.98 6.18 -4.01
CA ILE B 274 -23.70 7.40 -4.80
C ILE B 274 -24.58 8.57 -4.39
N ARG B 275 -25.88 8.35 -4.21
CA ARG B 275 -26.78 9.44 -3.83
C ARG B 275 -26.37 10.04 -2.49
N ALA B 276 -26.06 9.18 -1.52
CA ALA B 276 -25.63 9.62 -0.20
C ALA B 276 -24.31 10.35 -0.28
N ALA B 277 -23.38 9.85 -1.08
CA ALA B 277 -22.06 10.49 -1.22
C ALA B 277 -22.23 11.86 -1.83
N ASN B 278 -23.09 11.94 -2.85
CA ASN B 278 -23.33 13.23 -3.50
C ASN B 278 -23.96 14.23 -2.55
N ALA B 279 -24.92 13.75 -1.76
CA ALA B 279 -25.64 14.60 -0.82
C ALA B 279 -24.73 15.16 0.28
N ALA B 280 -23.68 14.40 0.63
CA ALA B 280 -22.72 14.82 1.65
C ALA B 280 -21.63 15.75 1.11
N SER B 281 -21.52 15.85 -0.21
CA SER B 281 -20.36 16.48 -0.85
C SER B 281 -20.20 17.97 -0.51
N GLU B 282 -21.30 18.70 -0.38
CA GLU B 282 -21.19 20.12 -0.05
C GLU B 282 -20.57 20.32 1.34
N LYS B 283 -21.09 19.62 2.34
CA LYS B 283 -20.61 19.82 3.70
C LYS B 283 -19.25 19.19 3.93
N GLY B 285 -17.03 18.72 1.56
CA GLY B 285 -16.11 19.56 0.82
C GLY B 285 -15.79 20.84 1.57
N ALA B 286 -16.78 21.39 2.28
CA ALA B 286 -16.58 22.63 3.06
C ALA B 286 -15.51 22.43 4.14
N ILE B 287 -15.53 21.26 4.80
CA ILE B 287 -14.53 20.93 5.81
C ILE B 287 -13.12 20.81 5.20
N PHE B 288 -13.01 20.03 4.14
CA PHE B 288 -11.70 19.80 3.50
C PHE B 288 -11.11 21.12 2.98
N ALA B 289 -11.96 21.95 2.37
CA ALA B 289 -11.51 23.24 1.85
C ALA B 289 -11.01 24.16 2.94
N ARG B 290 -11.66 24.15 4.11
CA ARG B 290 -11.19 25.00 5.22
C ARG B 290 -9.94 24.40 5.87
N LEU B 291 -9.85 23.06 5.87
CA LEU B 291 -8.73 22.39 6.51
C LEU B 291 -7.39 22.66 5.80
N ILE B 292 -7.44 22.78 4.47
CA ILE B 292 -6.18 22.91 3.71
C ILE B 292 -5.32 24.12 4.12
N ALA B 293 -5.93 25.27 4.43
CA ALA B 293 -5.13 26.44 4.87
C ALA B 293 -4.62 26.29 6.29
N ALA B 294 -5.26 25.42 7.07
CA ALA B 294 -4.95 25.27 8.49
C ALA B 294 -3.77 24.34 8.77
N VAL B 295 -3.40 23.51 7.78
CA VAL B 295 -2.34 22.52 8.02
C VAL B 295 -0.91 22.93 7.65
N LYS C 24 -13.25 -9.81 -23.43
CA LYS C 24 -14.06 -10.47 -24.44
C LYS C 24 -13.69 -11.96 -24.57
N LEU C 25 -12.45 -12.29 -24.27
CA LEU C 25 -11.97 -13.67 -24.26
C LEU C 25 -12.58 -14.43 -23.08
N GLN C 26 -12.69 -13.76 -21.94
CA GLN C 26 -13.36 -14.33 -20.77
C GLN C 26 -14.82 -14.66 -21.10
N GLU C 27 -15.49 -13.71 -21.75
CA GLU C 27 -16.88 -13.89 -22.18
C GLU C 27 -17.02 -15.07 -23.13
N GLN C 28 -16.10 -15.17 -24.10
CA GLN C 28 -16.06 -16.27 -25.04
C GLN C 28 -16.01 -17.60 -24.31
N HIS C 29 -15.11 -17.68 -23.34
CA HIS C 29 -14.85 -18.91 -22.59
C HIS C 29 -16.08 -19.39 -21.84
N TYR C 30 -16.78 -18.47 -21.19
CA TYR C 30 -18.05 -18.80 -20.52
C TYR C 30 -19.04 -19.35 -21.54
N HIS C 31 -19.14 -18.68 -22.68
CA HIS C 31 -20.08 -19.09 -23.74
C HIS C 31 -19.72 -20.44 -24.33
N GLU C 32 -18.42 -20.68 -24.54
CA GLU C 32 -17.94 -21.96 -25.07
C GLU C 32 -18.30 -23.14 -24.17
N ALA C 33 -18.13 -22.96 -22.86
CA ALA C 33 -18.50 -23.99 -21.90
C ALA C 33 -20.01 -24.21 -21.86
N ALA C 34 -20.77 -23.12 -21.91
CA ALA C 34 -22.21 -23.18 -21.85
C ALA C 34 -22.78 -23.85 -23.11
N SER C 35 -22.23 -23.49 -24.28
CA SER C 35 -22.62 -24.09 -25.56
C SER C 35 -22.39 -25.59 -25.58
N PHE C 36 -21.23 -26.01 -25.08
CA PHE C 36 -20.86 -27.41 -25.04
C PHE C 36 -21.87 -28.19 -24.20
N LEU C 37 -22.19 -27.68 -23.02
CA LEU C 37 -23.17 -28.33 -22.15
C LEU C 37 -24.59 -28.23 -22.69
N SER C 38 -24.90 -27.10 -23.31
CA SER C 38 -26.24 -26.80 -23.81
C SER C 38 -26.72 -27.84 -24.81
N SER C 39 -25.84 -28.19 -25.76
CA SER C 39 -26.18 -29.16 -26.80
C SER C 39 -26.21 -30.60 -26.29
N ARG C 40 -25.77 -30.81 -25.05
CA ARG C 40 -25.69 -32.16 -24.47
C ARG C 40 -26.67 -32.43 -23.33
N LEU C 41 -27.32 -31.37 -22.82
CA LEU C 41 -28.27 -31.49 -21.72
C LEU C 41 -29.69 -31.16 -22.20
N PRO C 42 -30.73 -31.77 -21.59
CA PRO C 42 -32.14 -31.53 -21.91
C PRO C 42 -32.51 -30.05 -22.06
N GLY C 43 -32.11 -29.21 -21.10
CA GLY C 43 -32.23 -27.75 -21.25
C GLY C 43 -33.31 -27.06 -20.43
N ASP C 44 -34.09 -27.84 -19.69
CA ASP C 44 -35.17 -27.30 -18.87
C ASP C 44 -34.83 -27.13 -17.39
N ALA C 45 -33.68 -27.65 -16.96
CA ALA C 45 -33.27 -27.54 -15.55
C ALA C 45 -33.22 -26.08 -15.07
N LYS C 46 -33.85 -25.81 -13.93
CA LYS C 46 -33.81 -24.49 -13.31
C LYS C 46 -32.94 -24.47 -12.05
N THR C 47 -32.64 -25.65 -11.52
CA THR C 47 -31.86 -25.79 -10.31
C THR C 47 -30.57 -26.57 -10.55
N ALA C 48 -29.46 -26.04 -10.04
CA ALA C 48 -28.19 -26.74 -10.05
C ALA C 48 -27.82 -27.12 -8.62
N ILE C 49 -27.14 -28.25 -8.47
CA ILE C 49 -26.72 -28.71 -7.16
C ILE C 49 -25.25 -29.05 -7.16
N ILE C 50 -24.50 -28.46 -6.21
CA ILE C 50 -23.12 -28.86 -5.99
C ILE C 50 -23.19 -30.01 -5.00
N LEU C 51 -22.78 -31.20 -5.44
CA LEU C 51 -22.84 -32.41 -4.62
C LEU C 51 -21.66 -32.47 -3.69
N GLY C 52 -21.69 -31.60 -2.67
CA GLY C 52 -20.61 -31.54 -1.69
C GLY C 52 -20.78 -32.61 -0.63
N SER C 53 -19.99 -32.51 0.44
CA SER C 53 -20.14 -33.44 1.56
C SER C 53 -21.58 -33.44 2.05
N GLY C 54 -22.11 -34.64 2.33
CA GLY C 54 -23.49 -34.80 2.77
C GLY C 54 -24.47 -35.06 1.65
N LEU C 55 -24.00 -34.96 0.40
CA LEU C 55 -24.85 -35.25 -0.76
C LEU C 55 -24.31 -36.41 -1.59
N GLY C 56 -23.55 -37.28 -0.92
CA GLY C 56 -22.85 -38.39 -1.58
C GLY C 56 -23.75 -39.51 -2.08
N GLU C 57 -25.02 -39.46 -1.73
CA GLU C 57 -25.99 -40.46 -2.20
C GLU C 57 -26.97 -39.90 -3.24
N LEU C 58 -26.90 -38.60 -3.49
CA LEU C 58 -27.92 -37.96 -4.32
C LEU C 58 -27.80 -38.27 -5.82
N ALA C 59 -26.57 -38.31 -6.33
CA ALA C 59 -26.34 -38.54 -7.76
C ALA C 59 -26.98 -39.85 -8.21
N GLU C 60 -26.83 -40.89 -7.39
CA GLU C 60 -27.42 -42.21 -7.66
C GLU C 60 -28.92 -42.07 -7.93
N LYS C 61 -29.58 -41.18 -7.20
CA LYS C 61 -31.02 -41.02 -7.30
C LYS C 61 -31.49 -40.25 -8.56
N ILE C 62 -30.58 -39.51 -9.18
CA ILE C 62 -30.90 -38.78 -10.42
C ILE C 62 -31.23 -39.79 -11.53
N GLU C 63 -32.38 -39.59 -12.18
CA GLU C 63 -32.80 -40.48 -13.25
C GLU C 63 -32.58 -39.87 -14.62
N ASN C 64 -32.55 -40.73 -15.64
CA ASN C 64 -32.26 -40.33 -17.02
C ASN C 64 -30.97 -39.51 -17.14
N LYS C 65 -29.92 -39.99 -16.49
CA LYS C 65 -28.65 -39.25 -16.37
C LYS C 65 -27.94 -39.02 -17.69
N THR C 66 -27.45 -37.80 -17.87
CA THR C 66 -26.45 -37.51 -18.88
C THR C 66 -25.20 -37.10 -18.10
N VAL C 67 -24.13 -37.88 -18.24
CA VAL C 67 -22.90 -37.64 -17.49
C VAL C 67 -21.82 -37.08 -18.40
N ILE C 68 -21.36 -35.86 -18.08
CA ILE C 68 -20.36 -35.17 -18.87
C ILE C 68 -19.13 -34.84 -18.02
N PRO C 69 -18.02 -35.57 -18.24
CA PRO C 69 -16.82 -35.35 -17.44
C PRO C 69 -16.31 -33.92 -17.57
N TYR C 70 -15.86 -33.35 -16.46
CA TYR C 70 -15.32 -31.98 -16.45
C TYR C 70 -14.19 -31.82 -17.47
N ASN C 71 -13.39 -32.87 -17.64
CA ASN C 71 -12.22 -32.83 -18.52
C ASN C 71 -12.56 -32.70 -19.99
N GLU C 72 -13.85 -32.85 -20.32
CA GLU C 72 -14.34 -32.66 -21.69
C GLU C 72 -14.96 -31.27 -21.89
N ILE C 73 -15.29 -30.60 -20.79
CA ILE C 73 -15.96 -29.30 -20.88
C ILE C 73 -14.97 -28.16 -21.09
N PRO C 74 -15.12 -27.41 -22.20
CA PRO C 74 -14.26 -26.28 -22.49
C PRO C 74 -14.03 -25.39 -21.27
N HIS C 75 -12.76 -25.21 -20.90
CA HIS C 75 -12.31 -24.25 -19.90
C HIS C 75 -12.58 -24.59 -18.43
N PHE C 76 -13.20 -25.73 -18.16
CA PHE C 76 -13.29 -26.23 -16.78
C PHE C 76 -11.90 -26.57 -16.27
N ALA C 77 -11.60 -26.20 -15.03
CA ALA C 77 -10.31 -26.50 -14.43
C ALA C 77 -10.06 -28.00 -14.44
N GLN C 78 -8.83 -28.39 -14.79
CA GLN C 78 -8.46 -29.81 -14.92
C GLN C 78 -8.26 -30.50 -13.57
N GLY C 86 -14.61 -35.76 -11.62
CA GLY C 86 -15.52 -34.63 -11.78
C GLY C 86 -16.46 -34.76 -12.96
N ASN C 87 -17.76 -34.67 -12.70
CA ASN C 87 -18.78 -34.76 -13.73
C ASN C 87 -19.90 -33.75 -13.56
N ILE C 88 -20.37 -33.22 -14.68
CA ILE C 88 -21.69 -32.60 -14.73
C ILE C 88 -22.71 -33.72 -14.96
N ILE C 89 -23.74 -33.77 -14.13
CA ILE C 89 -24.82 -34.75 -14.28
C ILE C 89 -26.14 -34.05 -14.55
N GLY C 90 -26.68 -34.27 -15.74
CA GLY C 90 -28.02 -33.80 -16.07
C GLY C 90 -29.02 -34.93 -15.88
N GLY C 91 -30.20 -34.60 -15.37
CA GLY C 91 -31.23 -35.61 -15.23
C GLY C 91 -32.44 -35.12 -14.46
N ILE C 92 -33.23 -36.09 -13.97
CA ILE C 92 -34.47 -35.80 -13.29
C ILE C 92 -34.41 -36.33 -11.87
N LEU C 93 -34.65 -35.45 -10.91
CA LEU C 93 -34.63 -35.83 -9.50
C LEU C 93 -36.01 -35.59 -8.91
N GLY C 94 -36.76 -36.68 -8.71
CA GLY C 94 -38.15 -36.63 -8.25
C GLY C 94 -39.03 -35.79 -9.17
N GLY C 95 -38.93 -36.04 -10.46
CA GLY C 95 -39.73 -35.33 -11.47
C GLY C 95 -39.17 -33.99 -11.91
N THR C 96 -38.17 -33.48 -11.19
CA THR C 96 -37.63 -32.15 -11.45
C THR C 96 -36.28 -32.23 -12.19
N PRO C 97 -36.18 -31.55 -13.35
CA PRO C 97 -34.93 -31.50 -14.12
C PRO C 97 -33.84 -30.76 -13.33
N VAL C 98 -32.69 -31.39 -13.15
CA VAL C 98 -31.58 -30.78 -12.41
C VAL C 98 -30.28 -30.86 -13.20
N VAL C 99 -29.33 -30.00 -12.83
CA VAL C 99 -27.95 -30.17 -13.26
C VAL C 99 -27.12 -30.25 -11.97
N ALA C 100 -26.36 -31.32 -11.83
CA ALA C 100 -25.56 -31.53 -10.63
C ALA C 100 -24.08 -31.47 -10.96
N GLN C 102 -20.85 -32.97 -9.72
CA GLN C 102 -20.24 -34.05 -8.95
C GLN C 102 -18.73 -33.81 -8.96
N GLY C 103 -18.18 -33.40 -7.83
CA GLY C 103 -16.82 -32.92 -7.77
C GLY C 103 -16.83 -31.40 -7.79
N ARG C 104 -16.00 -30.79 -6.97
CA ARG C 104 -15.97 -29.32 -6.87
C ARG C 104 -14.54 -28.87 -6.74
N PHE C 105 -14.29 -27.60 -7.03
CA PHE C 105 -12.93 -27.06 -7.02
C PHE C 105 -12.73 -26.25 -5.75
N HIS C 106 -11.64 -26.50 -5.04
CA HIS C 106 -11.39 -25.75 -3.81
C HIS C 106 -10.19 -24.84 -3.98
N TYR C 107 -10.27 -23.66 -3.36
CA TYR C 107 -9.15 -22.73 -3.39
C TYR C 107 -7.87 -23.35 -2.82
N TYR C 108 -7.98 -24.20 -1.80
CA TYR C 108 -6.78 -24.79 -1.20
C TYR C 108 -6.02 -25.68 -2.19
N GLU C 109 -6.68 -26.05 -3.29
CA GLU C 109 -6.07 -26.94 -4.29
C GLU C 109 -5.09 -26.20 -5.20
N GLY C 110 -5.16 -24.87 -5.19
CA GLY C 110 -4.28 -24.07 -6.03
C GLY C 110 -5.01 -23.41 -7.18
N TYR C 111 -6.30 -23.72 -7.32
CA TYR C 111 -7.15 -23.08 -8.33
C TYR C 111 -7.29 -21.59 -8.04
N SER C 112 -7.31 -20.77 -9.09
CA SER C 112 -7.67 -19.36 -8.93
C SER C 112 -9.16 -19.28 -8.58
N ASP C 114 -11.28 -17.53 -10.10
CA ASP C 114 -11.93 -17.62 -11.40
C ASP C 114 -12.24 -19.07 -11.76
N GLN C 115 -11.27 -19.95 -11.53
CA GLN C 115 -11.43 -21.38 -11.81
C GLN C 115 -12.42 -22.06 -10.85
N VAL C 116 -12.35 -21.70 -9.57
CA VAL C 116 -13.23 -22.26 -8.55
C VAL C 116 -14.70 -22.00 -8.89
N THR C 117 -14.98 -20.79 -9.37
CA THR C 117 -16.35 -20.32 -9.53
C THR C 117 -16.85 -20.31 -10.98
N PHE C 118 -15.95 -20.62 -11.92
CA PHE C 118 -16.29 -20.69 -13.34
C PHE C 118 -17.60 -21.48 -13.59
N PRO C 119 -17.72 -22.69 -13.02
CA PRO C 119 -18.96 -23.45 -13.28
C PRO C 119 -20.25 -22.73 -12.85
N ILE C 120 -20.21 -21.90 -11.83
CA ILE C 120 -21.42 -21.18 -11.39
C ILE C 120 -21.94 -20.25 -12.50
N ARG C 121 -21.01 -19.55 -13.15
CA ARG C 121 -21.39 -18.68 -14.26
C ARG C 121 -21.85 -19.44 -15.48
N VAL C 122 -21.25 -20.61 -15.71
CA VAL C 122 -21.75 -21.51 -16.77
C VAL C 122 -23.19 -21.91 -16.47
N LYS C 124 -25.39 -20.25 -14.82
CA LYS C 124 -26.24 -19.10 -15.13
C LYS C 124 -26.58 -19.05 -16.62
N LEU C 125 -25.57 -19.25 -17.47
CA LEU C 125 -25.77 -19.20 -18.91
C LEU C 125 -26.70 -20.32 -19.40
N LEU C 126 -26.77 -21.41 -18.65
CA LEU C 126 -27.68 -22.50 -18.99
C LEU C 126 -29.12 -22.21 -18.55
N GLY C 127 -29.33 -21.08 -17.89
CA GLY C 127 -30.65 -20.72 -17.41
C GLY C 127 -30.96 -21.20 -16.01
N ILE C 128 -29.94 -21.67 -15.29
CA ILE C 128 -30.10 -22.04 -13.88
C ILE C 128 -30.52 -20.81 -13.07
N GLU C 129 -31.53 -20.99 -12.22
CA GLU C 129 -32.06 -19.91 -11.40
C GLU C 129 -31.74 -20.11 -9.93
N ASN C 130 -31.51 -21.37 -9.55
CA ASN C 130 -31.32 -21.73 -8.14
C ASN C 130 -30.07 -22.58 -8.00
N LEU C 131 -29.29 -22.31 -6.96
CA LEU C 131 -28.13 -23.11 -6.64
C LEU C 131 -28.28 -23.72 -5.26
N PHE C 132 -28.18 -25.04 -5.19
CA PHE C 132 -28.24 -25.74 -3.93
C PHE C 132 -26.84 -26.29 -3.68
N VAL C 133 -26.36 -26.14 -2.45
CA VAL C 133 -25.00 -26.54 -2.13
C VAL C 133 -24.90 -27.13 -0.73
N SER C 134 -24.12 -28.21 -0.60
CA SER C 134 -23.77 -28.74 0.70
C SER C 134 -22.26 -28.68 0.91
N ASN C 135 -21.85 -28.74 2.17
CA ASN C 135 -20.44 -28.84 2.47
C ASN C 135 -20.24 -29.52 3.82
N ALA C 136 -18.99 -29.79 4.16
CA ALA C 136 -18.62 -30.27 5.49
C ALA C 136 -18.09 -29.07 6.26
N ALA C 137 -18.39 -29.00 7.55
CA ALA C 137 -17.92 -27.89 8.38
C ALA C 137 -17.66 -28.33 9.80
N GLY C 138 -16.68 -27.69 10.43
CA GLY C 138 -16.36 -27.92 11.84
C GLY C 138 -17.23 -27.00 12.72
N GLY C 139 -17.94 -27.57 13.68
CA GLY C 139 -18.77 -26.75 14.59
C GLY C 139 -17.90 -25.87 15.48
N ILE C 140 -18.24 -24.57 15.57
CA ILE C 140 -17.50 -23.67 16.45
C ILE C 140 -18.42 -23.00 17.47
N ASN C 141 -19.66 -23.47 17.50
CA ASN C 141 -20.62 -23.09 18.52
C ASN C 141 -21.03 -24.37 19.20
N THR C 142 -21.04 -24.36 20.53
CA THR C 142 -21.21 -25.59 21.30
C THR C 142 -22.60 -26.23 21.09
N SER C 143 -23.50 -25.53 20.44
CA SER C 143 -24.80 -26.13 20.15
C SER C 143 -24.82 -26.85 18.78
N PHE C 144 -23.67 -26.84 18.09
CA PHE C 144 -23.53 -27.55 16.82
C PHE C 144 -22.62 -28.76 17.00
N LYS C 145 -23.17 -29.95 16.86
CA LYS C 145 -22.45 -31.18 17.18
C LYS C 145 -22.25 -32.13 15.99
N VAL C 146 -21.34 -33.06 16.11
CA VAL C 146 -21.04 -33.98 15.00
C VAL C 146 -22.32 -34.67 14.56
N GLY C 147 -22.59 -34.61 13.26
CA GLY C 147 -23.79 -35.23 12.71
C GLY C 147 -24.94 -34.27 12.50
N ASP C 148 -24.86 -33.09 13.11
CA ASP C 148 -25.91 -32.09 12.93
C ASP C 148 -25.94 -31.61 11.48
N LEU C 149 -27.15 -31.31 11.01
CA LEU C 149 -27.32 -30.77 9.67
C LEU C 149 -27.70 -29.30 9.81
N ILE C 151 -28.64 -25.70 8.31
CA ILE C 151 -29.03 -24.79 7.23
C ILE C 151 -28.18 -23.52 7.35
N ILE C 152 -27.55 -23.11 6.25
CA ILE C 152 -26.68 -21.94 6.30
C ILE C 152 -27.55 -20.71 6.14
N ASP C 154 -26.29 -17.49 6.82
CA ASP C 154 -25.39 -16.39 6.44
C ASP C 154 -23.96 -16.93 6.46
N HIS C 155 -23.03 -16.15 5.91
CA HIS C 155 -21.62 -16.56 5.97
C HIS C 155 -20.71 -15.40 6.30
N ILE C 156 -19.48 -15.75 6.67
CA ILE C 156 -18.37 -14.81 6.77
C ILE C 156 -17.30 -15.30 5.83
N ASN C 157 -16.91 -14.43 4.90
CA ASN C 157 -15.88 -14.79 3.95
C ASN C 157 -14.48 -14.42 4.44
N ASN C 158 -13.64 -15.44 4.64
CA ASN C 158 -12.23 -15.22 4.89
C ASN C 158 -11.32 -15.83 3.81
N LEU C 159 -11.88 -16.10 2.63
CA LEU C 159 -11.08 -16.41 1.43
C LEU C 159 -11.01 -15.17 0.55
N PRO C 160 -10.06 -15.14 -0.41
CA PRO C 160 -10.07 -13.98 -1.30
C PRO C 160 -11.41 -13.87 -2.02
N ASN C 161 -11.93 -12.64 -2.12
CA ASN C 161 -13.18 -12.42 -2.83
C ASN C 161 -13.04 -12.78 -4.31
N PRO C 162 -13.94 -13.64 -4.83
CA PRO C 162 -13.81 -14.15 -6.18
C PRO C 162 -14.07 -13.10 -7.26
N LEU C 163 -14.64 -11.96 -6.88
CA LEU C 163 -15.02 -10.94 -7.86
C LEU C 163 -13.94 -9.88 -8.07
N ILE C 164 -12.85 -9.95 -7.31
CA ILE C 164 -11.74 -9.01 -7.53
C ILE C 164 -11.28 -9.10 -8.98
N GLY C 165 -11.13 -7.94 -9.62
CA GLY C 165 -10.79 -7.88 -11.03
C GLY C 165 -11.87 -7.11 -11.77
N PRO C 166 -11.65 -6.84 -13.06
CA PRO C 166 -12.66 -6.15 -13.87
C PRO C 166 -14.03 -6.82 -13.74
N ASN C 167 -15.08 -6.04 -13.55
CA ASN C 167 -16.42 -6.61 -13.42
C ASN C 167 -16.91 -7.22 -14.73
N ASP C 169 -19.75 -7.48 -16.65
CA ASP C 169 -21.07 -6.85 -16.78
C ASP C 169 -22.16 -7.81 -17.26
N PHE C 171 -22.65 -10.64 -16.31
CA PHE C 171 -23.17 -11.45 -15.19
C PHE C 171 -23.84 -10.66 -14.09
N GLY C 172 -23.37 -9.44 -13.83
CA GLY C 172 -23.96 -8.65 -12.76
C GLY C 172 -23.23 -7.35 -12.54
N VAL C 173 -23.61 -6.64 -11.48
CA VAL C 173 -23.12 -5.30 -11.22
C VAL C 173 -21.79 -5.33 -10.48
N ARG C 174 -21.10 -4.18 -10.47
CA ARG C 174 -19.80 -4.06 -9.81
C ARG C 174 -19.86 -4.41 -8.32
N PHE C 175 -20.87 -3.90 -7.62
CA PHE C 175 -20.94 -4.07 -6.16
C PHE C 175 -22.22 -4.83 -5.75
N PRO C 176 -22.20 -6.17 -5.82
CA PRO C 176 -23.44 -6.90 -5.51
C PRO C 176 -23.82 -6.87 -4.03
N ASP C 177 -25.12 -6.80 -3.78
CA ASP C 177 -25.66 -6.84 -2.42
C ASP C 177 -25.52 -8.26 -1.88
N THR C 179 -27.07 -8.99 1.43
CA THR C 179 -27.83 -8.84 2.67
C THR C 179 -28.53 -10.15 3.04
N ARG C 180 -29.12 -10.80 2.06
CA ARG C 180 -29.74 -12.12 2.25
C ARG C 180 -29.19 -13.06 1.17
N ALA C 181 -27.90 -13.40 1.27
CA ALA C 181 -27.27 -14.28 0.28
C ALA C 181 -27.92 -15.65 0.27
N TYR C 182 -28.38 -16.09 1.42
CA TYR C 182 -29.06 -17.36 1.58
C TYR C 182 -30.57 -17.13 1.59
N ASP C 183 -31.21 -17.49 0.48
CA ASP C 183 -32.63 -17.23 0.23
C ASP C 183 -33.53 -17.62 1.40
N ARG C 184 -34.31 -16.66 1.89
CA ARG C 184 -35.15 -16.89 3.07
C ARG C 184 -36.30 -17.86 2.79
N GLU C 185 -36.82 -17.83 1.56
CA GLU C 185 -37.95 -18.68 1.22
C GLU C 185 -37.50 -20.13 1.14
N PHE C 186 -36.30 -20.36 0.58
CA PHE C 186 -35.73 -21.70 0.53
C PHE C 186 -35.52 -22.25 1.93
N ILE C 187 -35.01 -21.41 2.82
CA ILE C 187 -34.81 -21.78 4.22
C ILE C 187 -36.14 -22.20 4.87
N ALA C 188 -37.19 -21.39 4.69
CA ALA C 188 -38.51 -21.73 5.20
C ALA C 188 -39.03 -23.06 4.63
N LYS C 189 -38.83 -23.27 3.34
CA LYS C 189 -39.29 -24.48 2.75
C LYS C 189 -38.52 -25.66 3.30
N ALA C 190 -37.21 -25.50 3.40
CA ALA C 190 -36.35 -26.56 3.90
C ALA C 190 -36.72 -26.97 5.30
N LYS C 191 -37.01 -25.98 6.15
CA LYS C 191 -37.42 -26.23 7.53
C LYS C 191 -38.73 -27.02 7.59
N GLY C 192 -39.68 -26.65 6.73
CA GLY C 192 -40.98 -27.36 6.63
C GLY C 192 -40.79 -28.80 6.20
N ILE C 193 -39.98 -28.98 5.16
CA ILE C 193 -39.60 -30.30 4.66
C ILE C 193 -38.95 -31.18 5.73
N ALA C 194 -37.98 -30.62 6.45
CA ALA C 194 -37.27 -31.34 7.51
C ALA C 194 -38.23 -31.76 8.64
N GLN C 195 -39.12 -30.85 9.04
CA GLN C 195 -40.11 -31.17 10.06
C GLN C 195 -40.98 -32.33 9.61
N GLU C 196 -41.43 -32.26 8.36
CA GLU C 196 -42.27 -33.29 7.77
C GLU C 196 -41.55 -34.65 7.74
N LEU C 197 -40.25 -34.64 7.47
CA LEU C 197 -39.48 -35.87 7.39
C LEU C 197 -38.94 -36.32 8.75
N ASN C 198 -39.25 -35.55 9.80
CA ASN C 198 -38.75 -35.81 11.16
C ASN C 198 -37.22 -35.79 11.24
N ILE C 199 -36.61 -34.89 10.48
CA ILE C 199 -35.16 -34.71 10.47
C ILE C 199 -34.85 -33.40 11.18
N PRO C 200 -34.14 -33.47 12.32
CA PRO C 200 -33.78 -32.24 13.01
C PRO C 200 -32.78 -31.45 12.17
N VAL C 201 -32.95 -30.14 12.13
CA VAL C 201 -31.97 -29.28 11.47
C VAL C 201 -31.58 -28.14 12.39
N LYS C 202 -30.33 -27.70 12.23
CA LYS C 202 -29.87 -26.49 12.89
C LYS C 202 -29.80 -25.39 11.84
N GLU C 203 -29.58 -24.16 12.29
CA GLU C 203 -29.44 -23.06 11.35
C GLU C 203 -28.34 -22.16 11.89
N GLY C 204 -27.45 -21.70 11.02
CA GLY C 204 -26.34 -20.90 11.53
C GLY C 204 -25.42 -20.33 10.48
N VAL C 205 -24.36 -19.70 10.97
CA VAL C 205 -23.45 -18.93 10.14
C VAL C 205 -22.23 -19.77 9.78
N TYR C 206 -21.94 -19.87 8.49
CA TYR C 206 -20.80 -20.59 7.96
C TYR C 206 -19.65 -19.63 7.72
N VAL C 207 -18.49 -19.98 8.26
CA VAL C 207 -17.28 -19.16 8.06
C VAL C 207 -16.41 -19.91 7.05
N GLY C 208 -16.07 -19.24 5.97
CA GLY C 208 -15.20 -19.81 4.93
C GLY C 208 -13.75 -19.42 5.14
N LEU C 209 -12.88 -20.41 5.29
CA LEU C 209 -11.42 -20.20 5.38
C LEU C 209 -10.77 -20.95 4.22
N THR C 210 -9.55 -20.59 3.85
CA THR C 210 -8.91 -21.28 2.72
C THR C 210 -8.57 -22.75 3.06
N GLY C 211 -8.13 -22.99 4.29
CA GLY C 211 -7.41 -24.23 4.60
C GLY C 211 -6.08 -24.23 3.84
N PRO C 212 -5.49 -25.42 3.61
CA PRO C 212 -6.10 -26.74 3.81
C PRO C 212 -5.84 -27.36 5.18
N SER C 213 -4.97 -26.78 6.00
CA SER C 213 -4.82 -27.31 7.36
C SER C 213 -6.08 -26.99 8.15
N TYR C 214 -6.46 -27.87 9.07
CA TYR C 214 -7.59 -27.59 9.94
C TYR C 214 -7.18 -26.48 10.89
N GLU C 215 -8.15 -25.84 11.53
CA GLU C 215 -7.86 -24.69 12.37
C GLU C 215 -7.20 -25.09 13.68
N THR C 216 -6.51 -24.14 14.28
CA THR C 216 -6.04 -24.28 15.64
C THR C 216 -7.20 -23.99 16.60
N PRO C 217 -7.10 -24.44 17.84
CA PRO C 217 -8.12 -24.07 18.82
C PRO C 217 -8.30 -22.54 18.93
N ALA C 218 -7.20 -21.79 18.88
CA ALA C 218 -7.31 -20.32 18.97
C ALA C 218 -8.09 -19.75 17.79
N GLU C 219 -7.92 -20.34 16.61
CA GLU C 219 -8.66 -19.88 15.43
C GLU C 219 -10.15 -20.26 15.53
N TYR C 220 -10.42 -21.50 15.93
CA TYR C 220 -11.80 -21.91 16.12
C TYR C 220 -12.52 -20.99 17.12
N LYS C 221 -11.84 -20.68 18.22
CA LYS C 221 -12.42 -19.86 19.29
C LYS C 221 -12.70 -18.45 18.78
N PHE C 222 -11.74 -17.89 18.03
CA PHE C 222 -11.90 -16.56 17.44
C PHE C 222 -13.15 -16.51 16.55
N TRP C 223 -13.24 -17.42 15.60
CA TRP C 223 -14.39 -17.39 14.67
C TRP C 223 -15.72 -17.65 15.39
N GLY C 224 -15.71 -18.50 16.41
CA GLY C 224 -16.95 -18.70 17.19
C GLY C 224 -17.31 -17.41 17.91
N GLN C 225 -16.32 -16.73 18.46
CA GLN C 225 -16.52 -15.53 19.25
C GLN C 225 -17.19 -14.42 18.45
N VAL C 226 -16.85 -14.34 17.16
CA VAL C 226 -17.36 -13.25 16.33
C VAL C 226 -18.60 -13.63 15.55
N GLY C 227 -19.22 -14.75 15.90
CA GLY C 227 -20.55 -15.07 15.41
C GLY C 227 -20.65 -16.23 14.43
N GLY C 228 -19.53 -16.90 14.17
CA GLY C 228 -19.56 -18.06 13.29
C GLY C 228 -20.08 -19.29 14.03
N ASP C 229 -20.78 -20.16 13.31
CA ASP C 229 -21.27 -21.40 13.91
C ASP C 229 -20.58 -22.65 13.39
N ALA C 230 -20.12 -22.59 12.15
CA ALA C 230 -19.37 -23.70 11.57
C ALA C 230 -18.32 -23.14 10.64
N ILE C 231 -17.21 -23.86 10.46
CA ILE C 231 -16.11 -23.40 9.58
C ILE C 231 -15.83 -24.45 8.51
N GLY C 232 -15.70 -24.01 7.27
CA GLY C 232 -15.37 -24.92 6.16
C GLY C 232 -14.46 -24.24 5.17
N SER C 234 -14.98 -24.21 1.64
CA SER C 234 -15.61 -24.14 0.32
C SER C 234 -16.80 -23.19 0.33
N THR C 235 -17.53 -23.18 -0.78
CA THR C 235 -18.92 -22.68 -0.83
C THR C 235 -19.04 -21.16 -0.89
N VAL C 236 -18.39 -20.45 0.02
CA VAL C 236 -18.47 -18.99 0.03
C VAL C 236 -18.18 -18.36 -1.34
N PRO C 237 -17.10 -18.82 -2.02
CA PRO C 237 -16.81 -18.18 -3.32
C PRO C 237 -17.95 -18.40 -4.32
N GLU C 238 -18.49 -19.61 -4.36
CA GLU C 238 -19.62 -19.92 -5.25
C GLU C 238 -20.84 -19.10 -4.95
N VAL C 239 -21.12 -18.89 -3.66
CA VAL C 239 -22.29 -18.12 -3.23
C VAL C 239 -22.15 -16.65 -3.64
N ILE C 240 -20.96 -16.09 -3.47
CA ILE C 240 -20.73 -14.71 -3.87
C ILE C 240 -20.97 -14.56 -5.37
N VAL C 241 -20.39 -15.48 -6.16
CA VAL C 241 -20.56 -15.46 -7.61
C VAL C 241 -22.02 -15.71 -8.04
N ALA C 242 -22.69 -16.65 -7.38
CA ALA C 242 -24.13 -16.88 -7.65
C ALA C 242 -24.97 -15.63 -7.40
N ARG C 243 -24.77 -15.01 -6.24
CA ARG C 243 -25.54 -13.82 -5.88
C ARG C 243 -25.24 -12.64 -6.81
N HIS C 244 -23.99 -12.56 -7.26
CA HIS C 244 -23.59 -11.53 -8.22
C HIS C 244 -24.45 -11.61 -9.51
N THR C 245 -24.80 -12.82 -9.88
CA THR C 245 -25.60 -13.01 -11.09
C THR C 245 -27.07 -13.36 -10.80
N GLY C 246 -27.50 -13.12 -9.57
CA GLY C 246 -28.93 -13.19 -9.24
C GLY C 246 -29.50 -14.59 -9.06
N ILE C 247 -28.62 -15.55 -8.86
CA ILE C 247 -29.02 -16.93 -8.60
C ILE C 247 -29.40 -17.07 -7.14
N ARG C 248 -30.52 -17.73 -6.87
CA ARG C 248 -31.00 -17.90 -5.51
C ARG C 248 -30.31 -19.12 -4.88
N VAL C 249 -29.85 -18.96 -3.64
CA VAL C 249 -28.97 -19.94 -3.03
C VAL C 249 -29.59 -20.59 -1.82
N PHE C 250 -29.44 -21.91 -1.73
CA PHE C 250 -29.71 -22.67 -0.52
C PHE C 250 -28.46 -23.48 -0.19
N GLY C 251 -28.01 -23.41 1.05
CA GLY C 251 -26.83 -24.16 1.51
C GLY C 251 -27.06 -24.86 2.83
N SER C 253 -24.65 -27.30 5.81
CA SER C 253 -23.40 -27.93 6.23
C SER C 253 -23.70 -29.16 7.04
N VAL C 254 -22.98 -30.24 6.78
CA VAL C 254 -22.89 -31.33 7.75
C VAL C 254 -21.84 -30.91 8.76
N ILE C 255 -22.20 -30.89 10.03
CA ILE C 255 -21.21 -30.66 11.08
C ILE C 255 -20.43 -31.96 11.24
N THR C 256 -19.19 -31.95 10.76
CA THR C 256 -18.44 -33.22 10.66
C THR C 256 -17.45 -33.43 11.81
N ASN C 257 -17.22 -32.38 12.59
CA ASN C 257 -16.27 -32.38 13.70
C ASN C 257 -16.57 -31.21 14.59
N GLU C 258 -16.08 -31.25 15.83
CA GLU C 258 -16.31 -30.19 16.77
C GLU C 258 -15.01 -29.46 17.07
N GLY C 259 -14.97 -28.18 16.70
CA GLY C 259 -13.82 -27.32 16.93
C GLY C 259 -13.91 -26.65 18.29
N TYR C 260 -14.17 -27.45 19.32
CA TYR C 260 -14.26 -26.97 20.70
C TYR C 260 -14.20 -28.15 21.66
N HIS C 261 -13.94 -27.85 22.92
CA HIS C 261 -13.85 -28.84 23.99
C HIS C 261 -12.92 -29.97 23.58
N PHE C 262 -11.67 -29.62 23.23
CA PHE C 262 -10.73 -30.59 22.68
C PHE C 262 -10.20 -31.51 23.78
N ALA C 263 -10.36 -32.82 23.59
CA ALA C 263 -9.68 -33.81 24.43
C ALA C 263 -8.19 -33.64 24.27
N ASP C 264 -7.43 -34.12 25.26
CA ASP C 264 -5.97 -33.95 25.27
C ASP C 264 -5.29 -34.63 24.08
N ASP C 265 -5.95 -35.63 23.53
CA ASP C 265 -5.37 -36.37 22.42
C ASP C 265 -6.18 -36.22 21.12
N PHE C 266 -7.12 -35.28 21.10
CA PHE C 266 -7.95 -35.12 19.91
C PHE C 266 -7.12 -34.71 18.70
N VAL C 267 -7.39 -35.36 17.55
CA VAL C 267 -6.86 -34.84 16.28
C VAL C 267 -7.98 -34.83 15.26
N ASN C 268 -8.02 -33.77 14.47
CA ASN C 268 -8.85 -33.73 13.28
C ASN C 268 -8.28 -34.70 12.27
N ASP C 269 -9.14 -35.25 11.42
CA ASP C 269 -8.70 -36.26 10.48
C ASP C 269 -9.71 -36.28 9.34
N GLU C 270 -9.21 -36.20 8.11
CA GLU C 270 -10.07 -36.21 6.93
C GLU C 270 -11.00 -37.41 6.89
N GLN C 271 -10.49 -38.58 7.29
CA GLN C 271 -11.32 -39.79 7.25
C GLN C 271 -12.50 -39.71 8.21
N ASP C 272 -12.30 -39.04 9.36
CA ASP C 272 -13.39 -38.85 10.33
C ASP C 272 -14.41 -37.82 9.80
N VAL C 273 -13.92 -36.80 9.12
CA VAL C 273 -14.82 -35.82 8.47
C VAL C 273 -15.71 -36.55 7.46
N ILE C 274 -15.08 -37.37 6.61
CA ILE C 274 -15.81 -38.13 5.60
C ILE C 274 -16.78 -39.12 6.25
N ARG C 275 -16.38 -39.72 7.37
CA ARG C 275 -17.29 -40.60 8.10
C ARG C 275 -18.60 -39.89 8.41
N ALA C 276 -18.49 -38.67 8.93
CA ALA C 276 -19.67 -37.90 9.30
C ALA C 276 -20.46 -37.47 8.05
N ALA C 277 -19.75 -37.06 7.00
CA ALA C 277 -20.39 -36.69 5.73
C ALA C 277 -21.19 -37.87 5.16
N ASN C 278 -20.58 -39.06 5.16
CA ASN C 278 -21.24 -40.24 4.63
C ASN C 278 -22.48 -40.56 5.45
N ALA C 279 -22.35 -40.48 6.78
CA ALA C 279 -23.47 -40.80 7.68
C ALA C 279 -24.63 -39.82 7.55
N ALA C 280 -24.34 -38.59 7.13
CA ALA C 280 -25.35 -37.56 6.97
C ALA C 280 -26.04 -37.60 5.62
N SER C 281 -25.45 -38.32 4.66
CA SER C 281 -25.89 -38.25 3.26
C SER C 281 -27.35 -38.66 3.00
N GLU C 282 -27.84 -39.70 3.65
CA GLU C 282 -29.23 -40.13 3.46
C GLU C 282 -30.21 -39.01 3.80
N LYS C 283 -30.09 -38.48 5.01
CA LYS C 283 -31.04 -37.49 5.50
C LYS C 283 -30.84 -36.14 4.82
N GLY C 285 -29.59 -35.69 1.83
CA GLY C 285 -30.08 -35.91 0.47
C GLY C 285 -31.60 -35.91 0.38
N ALA C 286 -32.26 -36.44 1.40
CA ALA C 286 -33.73 -36.46 1.46
C ALA C 286 -34.30 -35.03 1.47
N ILE C 287 -33.67 -34.14 2.23
CA ILE C 287 -34.09 -32.74 2.32
C ILE C 287 -33.90 -32.03 0.98
N PHE C 288 -32.70 -32.17 0.40
CA PHE C 288 -32.39 -31.51 -0.87
C PHE C 288 -33.32 -31.99 -1.97
N ALA C 289 -33.55 -33.31 -2.04
CA ALA C 289 -34.42 -33.89 -3.08
C ALA C 289 -35.83 -33.32 -3.01
N ARG C 290 -36.37 -33.21 -1.80
CA ARG C 290 -37.69 -32.63 -1.62
C ARG C 290 -37.70 -31.13 -1.90
N LEU C 291 -36.65 -30.43 -1.49
CA LEU C 291 -36.58 -28.99 -1.75
C LEU C 291 -36.53 -28.69 -3.24
N ILE C 292 -35.78 -29.51 -3.98
CA ILE C 292 -35.66 -29.35 -5.42
C ILE C 292 -37.05 -29.41 -6.08
N ALA C 293 -37.88 -30.33 -5.61
CA ALA C 293 -39.26 -30.47 -6.12
C ALA C 293 -40.18 -29.33 -5.68
N ALA C 294 -39.83 -28.64 -4.58
CA ALA C 294 -40.71 -27.65 -3.98
C ALA C 294 -40.51 -26.24 -4.52
N VAL C 295 -39.35 -25.99 -5.12
CA VAL C 295 -39.04 -24.65 -5.62
C VAL C 295 -39.46 -24.48 -7.08
N PHE D 20 46.97 27.28 -24.94
CA PHE D 20 46.71 27.98 -26.23
C PHE D 20 45.90 27.12 -27.18
N GLN D 21 46.10 25.80 -27.09
CA GLN D 21 45.32 24.82 -27.85
C GLN D 21 43.89 24.77 -27.32
N SER D 22 43.76 24.68 -25.99
CA SER D 22 42.47 24.63 -25.30
C SER D 22 41.62 25.86 -25.58
N LYS D 24 41.54 27.76 -28.36
CA LYS D 24 40.94 27.69 -29.68
C LYS D 24 39.74 26.74 -29.70
N LEU D 25 39.87 25.65 -28.95
CA LEU D 25 38.78 24.68 -28.75
C LEU D 25 37.62 25.33 -27.99
N GLN D 26 37.96 26.11 -26.97
CA GLN D 26 36.95 26.79 -26.19
C GLN D 26 36.24 27.81 -27.09
N GLU D 27 37.01 28.58 -27.87
CA GLU D 27 36.41 29.54 -28.81
C GLU D 27 35.48 28.82 -29.79
N GLN D 28 35.90 27.63 -30.23
CA GLN D 28 35.13 26.91 -31.22
C GLN D 28 33.79 26.47 -30.62
N HIS D 29 33.81 26.05 -29.36
CA HIS D 29 32.56 25.69 -28.68
C HIS D 29 31.54 26.82 -28.62
N TYR D 30 31.99 28.02 -28.24
CA TYR D 30 31.09 29.19 -28.23
C TYR D 30 30.54 29.42 -29.63
N HIS D 31 31.41 29.37 -30.64
CA HIS D 31 30.99 29.65 -32.02
C HIS D 31 29.96 28.64 -32.50
N GLU D 32 30.18 27.37 -32.14
CA GLU D 32 29.29 26.29 -32.54
C GLU D 32 27.89 26.45 -31.97
N ALA D 33 27.80 26.83 -30.70
CA ALA D 33 26.49 27.07 -30.08
C ALA D 33 25.84 28.30 -30.72
N ALA D 34 26.61 29.37 -30.88
CA ALA D 34 26.07 30.60 -31.45
C ALA D 34 25.55 30.37 -32.88
N SER D 35 26.33 29.66 -33.71
CA SER D 35 25.91 29.41 -35.10
CA SER D 35 25.91 29.42 -35.10
C SER D 35 24.66 28.56 -35.17
N PHE D 36 24.56 27.58 -34.28
CA PHE D 36 23.37 26.74 -34.23
C PHE D 36 22.14 27.61 -33.94
N LEU D 37 22.28 28.49 -32.96
CA LEU D 37 21.17 29.37 -32.60
C LEU D 37 20.89 30.43 -33.67
N SER D 38 21.94 31.02 -34.23
CA SER D 38 21.81 32.09 -35.23
CA SER D 38 21.71 32.10 -35.18
C SER D 38 21.08 31.61 -36.48
N SER D 39 21.26 30.34 -36.82
CA SER D 39 20.57 29.83 -38.01
C SER D 39 19.07 29.60 -37.77
N ARG D 40 18.65 29.69 -36.51
CA ARG D 40 17.28 29.32 -36.11
C ARG D 40 16.48 30.49 -35.54
N LEU D 41 17.16 31.41 -34.87
CA LEU D 41 16.47 32.53 -34.22
C LEU D 41 16.15 33.64 -35.22
N PRO D 42 15.22 34.55 -34.85
CA PRO D 42 14.92 35.68 -35.73
C PRO D 42 16.13 36.56 -36.02
N GLY D 43 17.02 36.73 -35.03
CA GLY D 43 18.27 37.49 -35.21
C GLY D 43 18.15 38.99 -34.95
N ASP D 44 17.00 39.41 -34.42
CA ASP D 44 16.78 40.85 -34.16
C ASP D 44 16.79 41.20 -32.68
N ALA D 45 16.93 40.21 -31.80
CA ALA D 45 16.94 40.51 -30.35
C ALA D 45 18.23 41.20 -29.91
N LYS D 46 18.08 42.22 -29.07
CA LYS D 46 19.22 42.87 -28.39
C LYS D 46 19.18 42.61 -26.88
N THR D 47 18.09 42.01 -26.39
CA THR D 47 17.95 41.74 -24.95
C THR D 47 17.66 40.25 -24.73
N ALA D 48 18.40 39.65 -23.81
CA ALA D 48 18.13 38.29 -23.40
C ALA D 48 17.59 38.32 -21.96
N ILE D 49 16.71 37.36 -21.63
CA ILE D 49 16.09 37.36 -20.29
C ILE D 49 16.24 35.95 -19.74
N ILE D 50 16.85 35.84 -18.57
CA ILE D 50 16.85 34.57 -17.82
C ILE D 50 15.55 34.50 -17.04
N LEU D 51 14.71 33.52 -17.40
CA LEU D 51 13.37 33.37 -16.80
C LEU D 51 13.51 32.67 -15.46
N GLY D 52 14.03 33.41 -14.47
CA GLY D 52 14.22 32.85 -13.14
C GLY D 52 12.90 32.86 -12.37
N SER D 53 13.00 32.55 -11.08
CA SER D 53 11.87 32.70 -10.18
C SER D 53 11.27 34.10 -10.30
N GLY D 54 9.94 34.15 -10.34
CA GLY D 54 9.26 35.41 -10.50
C GLY D 54 8.95 35.77 -11.95
N LEU D 55 9.47 35.01 -12.90
CA LEU D 55 9.18 35.26 -14.33
C LEU D 55 8.51 34.04 -14.96
N GLY D 56 7.81 33.28 -14.11
CA GLY D 56 7.15 32.02 -14.53
C GLY D 56 5.93 32.18 -15.44
N GLU D 57 5.47 33.41 -15.64
CA GLU D 57 4.37 33.67 -16.56
C GLU D 57 4.85 34.34 -17.84
N LEU D 58 6.14 34.67 -17.91
CA LEU D 58 6.62 35.52 -19.02
C LEU D 58 6.75 34.78 -20.35
N ALA D 59 7.16 33.50 -20.31
CA ALA D 59 7.37 32.75 -21.55
C ALA D 59 6.07 32.66 -22.34
N GLU D 60 4.96 32.49 -21.62
CA GLU D 60 3.65 32.42 -22.25
C GLU D 60 3.29 33.72 -22.97
N LYS D 61 3.84 34.84 -22.51
CA LYS D 61 3.56 36.15 -23.09
C LYS D 61 4.35 36.41 -24.36
N ILE D 62 5.42 35.63 -24.59
CA ILE D 62 6.24 35.78 -25.79
C ILE D 62 5.43 35.35 -27.01
N GLU D 63 5.36 36.22 -28.02
CA GLU D 63 4.61 35.95 -29.23
C GLU D 63 5.50 35.51 -30.36
N ASN D 64 4.93 34.79 -31.31
CA ASN D 64 5.67 34.26 -32.47
C ASN D 64 6.92 33.50 -32.02
N LYS D 65 6.75 32.57 -31.11
CA LYS D 65 7.87 31.85 -30.48
C LYS D 65 8.64 30.97 -31.46
N THR D 66 9.97 30.99 -31.32
CA THR D 66 10.84 29.95 -31.85
C THR D 66 11.43 29.28 -30.62
N VAL D 67 11.12 27.99 -30.44
CA VAL D 67 11.56 27.27 -29.24
C VAL D 67 12.67 26.31 -29.62
N ILE D 68 13.83 26.44 -28.95
CA ILE D 68 14.98 25.61 -29.24
C ILE D 68 15.43 24.93 -27.94
N PRO D 69 15.17 23.62 -27.80
CA PRO D 69 15.56 22.91 -26.59
C PRO D 69 17.05 22.98 -26.33
N TYR D 70 17.41 23.20 -25.07
CA TYR D 70 18.82 23.25 -24.69
C TYR D 70 19.57 21.99 -25.15
N ASN D 71 18.90 20.84 -25.08
CA ASN D 71 19.58 19.58 -25.43
C ASN D 71 19.96 19.45 -26.90
N GLU D 72 19.48 20.36 -27.75
CA GLU D 72 19.88 20.39 -29.15
C GLU D 72 21.03 21.35 -29.42
N ILE D 73 21.31 22.24 -28.48
CA ILE D 73 22.29 23.29 -28.72
C ILE D 73 23.70 22.81 -28.37
N PRO D 74 24.63 22.87 -29.33
CA PRO D 74 25.99 22.40 -29.09
C PRO D 74 26.57 22.97 -27.80
N HIS D 75 27.03 22.08 -26.93
CA HIS D 75 27.79 22.44 -25.73
C HIS D 75 26.99 23.07 -24.59
N PHE D 76 25.67 23.20 -24.74
CA PHE D 76 24.86 23.60 -23.58
C PHE D 76 24.84 22.45 -22.58
N ALA D 77 24.92 22.78 -21.28
CA ALA D 77 24.94 21.76 -20.24
C ALA D 77 23.65 20.91 -20.26
N GLN D 78 23.81 19.61 -19.97
CA GLN D 78 22.72 18.63 -20.10
C GLN D 78 21.61 18.81 -19.05
N LYS D 85 10.98 23.16 -19.61
CA LYS D 85 12.13 22.25 -19.68
C LYS D 85 13.42 23.07 -19.55
N GLY D 86 14.35 22.86 -20.48
CA GLY D 86 15.36 23.87 -20.81
C GLY D 86 15.21 24.24 -22.27
N ASN D 87 14.88 25.50 -22.55
CA ASN D 87 14.69 25.97 -23.92
C ASN D 87 15.18 27.39 -24.10
N ILE D 88 15.77 27.65 -25.26
CA ILE D 88 15.92 29.01 -25.73
C ILE D 88 14.60 29.36 -26.44
N ILE D 89 14.04 30.52 -26.12
CA ILE D 89 12.82 30.98 -26.79
C ILE D 89 13.08 32.34 -27.41
N GLY D 90 12.95 32.43 -28.74
CA GLY D 90 13.03 33.72 -29.44
C GLY D 90 11.61 34.16 -29.76
N GLY D 91 11.37 35.47 -29.80
CA GLY D 91 10.06 35.96 -30.23
C GLY D 91 9.91 37.41 -29.81
N ILE D 92 8.66 37.82 -29.58
CA ILE D 92 8.35 39.23 -29.30
C ILE D 92 7.73 39.31 -27.93
N LEU D 93 8.30 40.16 -27.09
CA LEU D 93 7.76 40.37 -25.75
C LEU D 93 7.66 41.87 -25.52
N GLY D 94 6.52 42.34 -25.02
CA GLY D 94 6.36 43.79 -24.81
C GLY D 94 6.73 44.56 -26.07
N GLY D 95 6.27 44.04 -27.20
CA GLY D 95 6.43 44.68 -28.50
C GLY D 95 7.85 44.65 -29.04
N THR D 96 8.72 43.83 -28.44
CA THR D 96 10.17 43.91 -28.70
C THR D 96 10.77 42.52 -28.90
N PRO D 97 11.68 42.36 -29.89
CA PRO D 97 12.40 41.10 -30.02
C PRO D 97 13.13 40.72 -28.72
N VAL D 98 13.08 39.43 -28.38
CA VAL D 98 13.74 38.95 -27.17
C VAL D 98 14.30 37.55 -27.40
N VAL D 99 15.32 37.21 -26.63
CA VAL D 99 15.72 35.79 -26.49
C VAL D 99 15.59 35.46 -25.02
N ALA D 100 14.79 34.45 -24.70
CA ALA D 100 14.61 34.05 -23.30
C ALA D 100 15.28 32.71 -23.03
N GLN D 102 14.76 29.74 -20.82
CA GLN D 102 13.75 29.08 -20.00
C GLN D 102 14.46 27.88 -19.38
N GLY D 103 14.78 27.99 -18.10
CA GLY D 103 15.59 26.98 -17.42
C GLY D 103 16.97 27.57 -17.23
N ARG D 104 17.58 27.27 -16.10
CA ARG D 104 18.90 27.84 -15.83
C ARG D 104 19.73 26.78 -15.12
N PHE D 105 21.05 26.97 -15.14
CA PHE D 105 21.98 26.04 -14.53
C PHE D 105 22.51 26.63 -13.24
N HIS D 106 22.41 25.88 -12.13
CA HIS D 106 22.90 26.40 -10.88
C HIS D 106 24.15 25.67 -10.46
N TYR D 107 25.05 26.38 -9.80
CA TYR D 107 26.27 25.79 -9.30
C TYR D 107 25.94 24.66 -8.31
N TYR D 108 24.88 24.81 -7.51
CA TYR D 108 24.58 23.74 -6.52
C TYR D 108 24.22 22.40 -7.18
N GLU D 109 23.84 22.43 -8.46
CA GLU D 109 23.48 21.20 -9.19
C GLU D 109 24.71 20.38 -9.57
N GLY D 110 25.91 20.95 -9.48
CA GLY D 110 27.13 20.24 -9.87
C GLY D 110 27.74 20.74 -11.18
N TYR D 111 27.08 21.68 -11.83
CA TYR D 111 27.63 22.28 -13.04
C TYR D 111 28.88 23.08 -12.71
N SER D 112 29.85 23.08 -13.62
CA SER D 112 31.01 23.97 -13.45
C SER D 112 30.55 25.39 -13.73
N ASP D 114 31.94 27.33 -15.80
CA ASP D 114 31.92 27.41 -17.26
C ASP D 114 30.57 27.01 -17.83
N GLN D 115 30.00 25.90 -17.32
CA GLN D 115 28.69 25.45 -17.77
C GLN D 115 27.56 26.41 -17.36
N VAL D 116 27.64 26.92 -16.14
CA VAL D 116 26.61 27.83 -15.63
C VAL D 116 26.52 29.07 -16.52
N THR D 117 27.68 29.54 -16.98
CA THR D 117 27.73 30.86 -17.63
C THR D 117 27.92 30.81 -19.14
N PHE D 118 28.15 29.62 -19.68
CA PHE D 118 28.33 29.43 -21.13
C PHE D 118 27.24 30.14 -21.96
N PRO D 119 25.96 30.03 -21.55
CA PRO D 119 24.94 30.65 -22.41
C PRO D 119 25.07 32.17 -22.52
N ILE D 120 25.62 32.82 -21.51
CA ILE D 120 25.75 34.28 -21.54
C ILE D 120 26.74 34.70 -22.64
N ARG D 121 27.81 33.95 -22.78
CA ARG D 121 28.79 34.24 -23.83
C ARG D 121 28.23 33.91 -25.21
N VAL D 122 27.41 32.87 -25.28
CA VAL D 122 26.68 32.61 -26.52
C VAL D 122 25.75 33.79 -26.85
N LYS D 124 26.20 36.90 -26.10
CA LYS D 124 27.08 37.97 -26.66
C LYS D 124 27.34 37.76 -28.17
N LEU D 125 27.66 36.53 -28.55
CA LEU D 125 27.97 36.26 -29.96
C LEU D 125 26.74 36.42 -30.84
N LEU D 126 25.54 36.30 -30.25
CA LEU D 126 24.31 36.57 -31.02
C LEU D 126 24.01 38.06 -31.18
N GLY D 127 24.79 38.91 -30.54
CA GLY D 127 24.53 40.36 -30.63
C GLY D 127 23.69 40.90 -29.48
N ILE D 128 23.48 40.07 -28.45
CA ILE D 128 22.73 40.53 -27.27
C ILE D 128 23.54 41.61 -26.56
N GLU D 129 22.89 42.72 -26.24
CA GLU D 129 23.51 43.86 -25.56
C GLU D 129 23.12 43.97 -24.11
N ASN D 130 21.95 43.44 -23.78
CA ASN D 130 21.38 43.60 -22.44
C ASN D 130 20.93 42.25 -21.91
N LEU D 131 21.13 42.04 -20.61
CA LEU D 131 20.66 40.83 -19.95
C LEU D 131 19.76 41.20 -18.79
N PHE D 132 18.54 40.66 -18.78
CA PHE D 132 17.61 40.83 -17.66
C PHE D 132 17.56 39.48 -16.97
N VAL D 133 17.52 39.50 -15.63
CA VAL D 133 17.53 38.24 -14.86
C VAL D 133 16.68 38.40 -13.62
N SER D 134 15.93 37.36 -13.28
CA SER D 134 15.21 37.37 -12.01
C SER D 134 15.70 36.19 -11.19
N ASN D 135 15.40 36.22 -9.91
CA ASN D 135 15.70 35.08 -9.05
C ASN D 135 14.84 35.13 -7.81
N ALA D 136 14.86 34.05 -7.02
CA ALA D 136 14.21 34.07 -5.71
C ALA D 136 15.29 34.28 -4.68
N ALA D 137 14.94 34.96 -3.61
CA ALA D 137 15.93 35.25 -2.56
C ALA D 137 15.26 35.37 -1.19
N GLY D 138 16.03 35.05 -0.14
CA GLY D 138 15.52 35.22 1.22
C GLY D 138 15.90 36.59 1.73
N GLY D 139 14.94 37.29 2.34
CA GLY D 139 15.21 38.65 2.83
C GLY D 139 16.09 38.61 4.08
N ILE D 140 17.10 39.46 4.13
CA ILE D 140 18.01 39.49 5.30
C ILE D 140 18.08 40.89 5.91
N ASN D 141 17.25 41.76 5.36
CA ASN D 141 17.03 43.05 5.97
CA ASN D 141 17.01 43.10 5.90
C ASN D 141 15.55 43.14 6.29
N THR D 142 15.25 43.61 7.49
CA THR D 142 13.89 43.51 8.00
C THR D 142 12.87 44.34 7.22
N SER D 143 13.33 45.21 6.33
CA SER D 143 12.38 45.95 5.52
CA SER D 143 12.47 46.01 5.45
C SER D 143 12.00 45.18 4.24
N PHE D 144 12.62 44.01 4.04
CA PHE D 144 12.33 43.19 2.87
C PHE D 144 11.50 42.00 3.29
N LYS D 145 10.24 41.98 2.87
CA LYS D 145 9.23 41.02 3.34
C LYS D 145 8.82 40.05 2.23
N VAL D 146 8.33 38.87 2.62
CA VAL D 146 7.80 37.92 1.63
C VAL D 146 6.86 38.61 0.64
N GLY D 147 7.12 38.37 -0.65
CA GLY D 147 6.33 38.95 -1.74
C GLY D 147 6.87 40.26 -2.27
N ASP D 148 7.83 40.86 -1.57
CA ASP D 148 8.43 42.09 -2.06
C ASP D 148 9.23 41.83 -3.32
N LEU D 149 9.26 42.84 -4.20
CA LEU D 149 10.00 42.73 -5.45
C LEU D 149 11.19 43.68 -5.33
N ILE D 151 14.59 45.35 -6.76
CA ILE D 151 15.54 45.65 -7.84
C ILE D 151 16.93 45.42 -7.28
N ILE D 152 17.78 44.68 -8.00
CA ILE D 152 19.11 44.41 -7.48
C ILE D 152 20.00 45.57 -7.88
N ASP D 154 23.19 45.95 -6.44
CA ASP D 154 24.58 45.48 -6.31
C ASP D 154 24.54 44.05 -5.77
N HIS D 155 25.69 43.38 -5.79
CA HIS D 155 25.76 42.04 -5.23
C HIS D 155 27.03 41.81 -4.43
N ILE D 156 27.01 40.73 -3.66
CA ILE D 156 28.20 40.21 -3.03
C ILE D 156 28.33 38.78 -3.49
N ASN D 157 29.45 38.47 -4.12
CA ASN D 157 29.68 37.13 -4.60
C ASN D 157 30.33 36.21 -3.57
N ASN D 158 29.60 35.17 -3.15
CA ASN D 158 30.19 34.13 -2.30
C ASN D 158 30.21 32.77 -2.98
N LEU D 159 30.10 32.75 -4.31
CA LEU D 159 30.33 31.53 -5.09
C LEU D 159 31.69 31.66 -5.75
N PRO D 160 32.25 30.54 -6.25
CA PRO D 160 33.51 30.70 -6.98
C PRO D 160 33.37 31.65 -8.16
N ASN D 161 34.36 32.50 -8.35
CA ASN D 161 34.33 33.42 -9.48
C ASN D 161 34.42 32.67 -10.81
N PRO D 162 33.46 32.91 -11.72
CA PRO D 162 33.40 32.12 -12.95
C PRO D 162 34.50 32.42 -13.95
N LEU D 163 35.24 33.52 -13.74
CA LEU D 163 36.31 33.90 -14.66
C LEU D 163 37.67 33.31 -14.31
N ILE D 164 37.74 32.53 -13.23
CA ILE D 164 39.03 31.94 -12.86
C ILE D 164 39.49 31.01 -13.98
N GLY D 165 40.75 31.14 -14.36
CA GLY D 165 41.28 30.41 -15.52
C GLY D 165 41.83 31.41 -16.54
N PRO D 166 42.43 30.90 -17.61
CA PRO D 166 42.97 31.78 -18.62
C PRO D 166 41.87 32.72 -19.12
N ASN D 167 42.19 33.99 -19.33
CA ASN D 167 41.20 34.93 -19.81
C ASN D 167 40.86 34.68 -21.28
N ASP D 169 40.14 36.49 -24.25
CA ASP D 169 40.22 37.82 -24.85
C ASP D 169 39.11 38.12 -25.83
N PHE D 171 36.16 37.71 -25.38
CA PHE D 171 35.02 38.24 -24.64
C PHE D 171 35.28 39.47 -23.80
N GLY D 172 36.47 39.59 -23.22
CA GLY D 172 36.72 40.74 -22.38
C GLY D 172 38.12 40.73 -21.83
N VAL D 173 38.37 41.66 -20.93
CA VAL D 173 39.71 41.87 -20.39
C VAL D 173 39.95 40.97 -19.18
N ARG D 174 41.22 40.94 -18.76
CA ARG D 174 41.62 40.04 -17.68
C ARG D 174 40.92 40.41 -16.36
N PHE D 175 40.86 41.71 -16.08
CA PHE D 175 40.31 42.19 -14.81
C PHE D 175 39.14 43.12 -15.06
N PRO D 176 37.93 42.56 -15.19
CA PRO D 176 36.78 43.43 -15.50
C PRO D 176 36.32 44.25 -14.31
N ASP D 177 35.94 45.48 -14.59
CA ASP D 177 35.37 46.37 -13.60
C ASP D 177 33.96 45.93 -13.18
N THR D 179 32.06 48.10 -10.87
CA THR D 179 31.64 49.21 -10.02
C THR D 179 30.13 49.44 -10.07
N ARG D 180 29.54 49.35 -11.25
CA ARG D 180 28.08 49.42 -11.42
C ARG D 180 27.69 48.23 -12.25
N ALA D 181 27.77 47.03 -11.65
CA ALA D 181 27.41 45.82 -12.41
C ALA D 181 25.95 45.86 -12.82
N TYR D 182 25.11 46.48 -11.98
CA TYR D 182 23.69 46.60 -12.30
C TYR D 182 23.47 47.99 -12.84
N ASP D 183 23.16 48.03 -14.14
CA ASP D 183 23.12 49.27 -14.90
C ASP D 183 22.21 50.31 -14.24
N ARG D 184 22.73 51.50 -14.00
CA ARG D 184 21.96 52.49 -13.26
C ARG D 184 20.80 53.05 -14.10
N GLU D 185 21.01 53.18 -15.41
CA GLU D 185 19.93 53.68 -16.27
C GLU D 185 18.77 52.68 -16.30
N PHE D 186 19.09 51.38 -16.37
CA PHE D 186 18.03 50.38 -16.31
C PHE D 186 17.27 50.42 -15.00
N ILE D 187 18.00 50.60 -13.89
CA ILE D 187 17.34 50.70 -12.57
C ILE D 187 16.38 51.90 -12.54
N ALA D 188 16.84 53.03 -13.05
CA ALA D 188 16.00 54.24 -13.08
C ALA D 188 14.75 53.99 -13.93
N LYS D 189 14.94 53.34 -15.07
CA LYS D 189 13.80 53.04 -15.96
C LYS D 189 12.82 52.08 -15.29
N ALA D 190 13.36 51.06 -14.63
CA ALA D 190 12.52 50.09 -13.92
C ALA D 190 11.73 50.74 -12.79
N LYS D 191 12.37 51.61 -12.01
CA LYS D 191 11.67 52.35 -10.95
C LYS D 191 10.51 53.17 -11.53
N GLY D 192 10.79 53.88 -12.62
CA GLY D 192 9.75 54.68 -13.30
C GLY D 192 8.60 53.79 -13.77
N ILE D 193 8.94 52.62 -14.34
CA ILE D 193 7.95 51.67 -14.81
C ILE D 193 7.10 51.13 -13.65
N ALA D 194 7.76 50.75 -12.56
CA ALA D 194 7.02 50.25 -11.40
C ALA D 194 6.04 51.31 -10.87
N GLN D 195 6.49 52.58 -10.84
CA GLN D 195 5.64 53.66 -10.36
C GLN D 195 4.44 53.81 -11.30
N GLU D 196 4.69 53.80 -12.60
CA GLU D 196 3.60 53.90 -13.58
C GLU D 196 2.58 52.79 -13.42
N LEU D 197 3.07 51.58 -13.21
CA LEU D 197 2.20 50.40 -13.07
C LEU D 197 1.66 50.22 -11.65
N ASN D 198 2.00 51.15 -10.75
CA ASN D 198 1.53 51.09 -9.37
C ASN D 198 1.97 49.79 -8.68
N ILE D 199 3.20 49.35 -8.98
CA ILE D 199 3.75 48.14 -8.38
C ILE D 199 4.86 48.59 -7.44
N PRO D 200 4.71 48.32 -6.13
CA PRO D 200 5.77 48.74 -5.23
C PRO D 200 7.02 47.89 -5.45
N VAL D 201 8.18 48.54 -5.38
CA VAL D 201 9.45 47.83 -5.49
C VAL D 201 10.40 48.29 -4.39
N LYS D 202 11.31 47.39 -4.02
CA LYS D 202 12.39 47.67 -3.09
C LYS D 202 13.68 47.68 -3.94
N GLU D 203 14.79 48.08 -3.35
CA GLU D 203 16.03 48.07 -4.09
C GLU D 203 17.09 47.68 -3.09
N GLY D 204 17.96 46.76 -3.48
CA GLY D 204 18.98 46.37 -2.49
C GLY D 204 20.01 45.43 -3.02
N VAL D 205 20.82 44.94 -2.09
CA VAL D 205 22.00 44.15 -2.43
C VAL D 205 21.70 42.68 -2.34
N TYR D 206 22.02 41.95 -3.41
CA TYR D 206 21.83 40.51 -3.47
C TYR D 206 23.11 39.79 -3.10
N VAL D 207 23.03 38.83 -2.20
CA VAL D 207 24.19 38.04 -1.81
C VAL D 207 24.08 36.66 -2.46
N GLY D 208 25.08 36.28 -3.24
CA GLY D 208 25.06 34.95 -3.88
C GLY D 208 25.83 33.92 -3.08
N LEU D 209 25.14 32.86 -2.65
CA LEU D 209 25.76 31.70 -1.99
C LEU D 209 25.57 30.48 -2.88
N THR D 210 26.35 29.44 -2.64
CA THR D 210 26.22 28.26 -3.50
C THR D 210 24.91 27.53 -3.19
N GLY D 211 24.52 27.51 -1.91
CA GLY D 211 23.53 26.50 -1.45
C GLY D 211 24.09 25.09 -1.61
N PRO D 212 23.23 24.06 -1.70
CA PRO D 212 21.78 24.10 -1.89
C PRO D 212 20.96 24.16 -0.61
N SER D 213 21.58 23.96 0.55
CA SER D 213 20.83 24.10 1.80
C SER D 213 20.52 25.57 2.04
N TYR D 214 19.34 25.84 2.59
CA TYR D 214 19.02 27.20 2.98
C TYR D 214 19.95 27.62 4.12
N GLU D 215 20.05 28.90 4.36
CA GLU D 215 21.02 29.40 5.33
C GLU D 215 20.54 29.14 6.77
N THR D 216 21.49 29.11 7.70
CA THR D 216 21.19 29.15 9.12
C THR D 216 20.86 30.59 9.52
N PRO D 217 20.17 30.75 10.65
CA PRO D 217 19.95 32.10 11.16
C PRO D 217 21.26 32.89 11.35
N ALA D 218 22.30 32.23 11.86
CA ALA D 218 23.61 32.88 12.01
C ALA D 218 24.17 33.37 10.66
N GLU D 219 24.00 32.56 9.60
CA GLU D 219 24.46 32.98 8.27
C GLU D 219 23.61 34.14 7.72
N TYR D 220 22.29 34.06 7.86
CA TYR D 220 21.42 35.15 7.39
C TYR D 220 21.79 36.44 8.13
N LYS D 221 22.06 36.33 9.43
CA LYS D 221 22.34 37.52 10.25
C LYS D 221 23.68 38.16 9.81
N PHE D 222 24.68 37.32 9.63
CA PHE D 222 26.00 37.75 9.13
C PHE D 222 25.85 38.52 7.84
N TRP D 223 25.21 37.91 6.84
CA TRP D 223 25.13 38.60 5.56
C TRP D 223 24.34 39.89 5.63
N GLY D 224 23.27 39.93 6.44
CA GLY D 224 22.52 41.19 6.65
C GLY D 224 23.39 42.26 7.28
N GLN D 225 24.22 41.85 8.23
CA GLN D 225 25.04 42.77 9.02
C GLN D 225 26.06 43.49 8.14
N VAL D 226 26.55 42.78 7.14
CA VAL D 226 27.59 43.34 6.29
C VAL D 226 27.05 43.97 5.01
N GLY D 227 25.73 44.16 4.95
CA GLY D 227 25.11 45.02 3.92
C GLY D 227 24.28 44.31 2.89
N GLY D 228 24.11 43.00 3.04
CA GLY D 228 23.23 42.25 2.15
C GLY D 228 21.77 42.51 2.49
N ASP D 229 20.92 42.50 1.47
CA ASP D 229 19.47 42.65 1.69
C ASP D 229 18.69 41.39 1.36
N ALA D 230 19.22 40.57 0.47
CA ALA D 230 18.57 39.28 0.15
C ALA D 230 19.63 38.28 -0.26
N ILE D 231 19.38 36.98 -0.04
CA ILE D 231 20.34 35.94 -0.38
C ILE D 231 19.72 34.93 -1.31
N GLY D 232 20.46 34.54 -2.33
CA GLY D 232 19.99 33.52 -3.26
C GLY D 232 21.16 32.69 -3.75
N SER D 234 21.88 31.96 -7.18
CA SER D 234 22.09 32.05 -8.62
C SER D 234 22.58 33.45 -8.99
N THR D 235 22.62 33.71 -10.30
CA THR D 235 22.63 35.06 -10.90
C THR D 235 24.01 35.74 -10.90
N VAL D 236 24.65 35.79 -9.75
CA VAL D 236 25.96 36.40 -9.64
C VAL D 236 26.95 35.92 -10.71
N PRO D 237 27.08 34.59 -10.92
CA PRO D 237 28.03 34.15 -11.94
C PRO D 237 27.70 34.70 -13.32
N GLU D 238 26.43 34.63 -13.72
CA GLU D 238 26.03 35.17 -15.02
C GLU D 238 26.31 36.67 -15.12
N VAL D 239 26.10 37.40 -14.04
CA VAL D 239 26.30 38.86 -14.07
C VAL D 239 27.79 39.16 -14.23
N ILE D 240 28.63 38.44 -13.50
CA ILE D 240 30.08 38.60 -13.68
C ILE D 240 30.50 38.38 -15.15
N VAL D 241 30.01 37.29 -15.75
CA VAL D 241 30.39 36.94 -17.11
C VAL D 241 29.77 37.95 -18.10
N ALA D 242 28.54 38.38 -17.82
CA ALA D 242 27.90 39.43 -18.64
C ALA D 242 28.72 40.71 -18.63
N ARG D 243 29.11 41.18 -17.45
CA ARG D 243 29.89 42.43 -17.35
C ARG D 243 31.26 42.30 -17.97
N HIS D 244 31.86 41.12 -17.83
CA HIS D 244 33.15 40.85 -18.51
C HIS D 244 33.07 41.13 -20.00
N THR D 245 31.92 40.82 -20.60
CA THR D 245 31.75 41.00 -22.03
C THR D 245 30.90 42.22 -22.42
N GLY D 246 30.70 43.12 -21.47
CA GLY D 246 30.14 44.42 -21.80
C GLY D 246 28.62 44.46 -21.90
N ILE D 247 27.96 43.37 -21.52
CA ILE D 247 26.50 43.31 -21.56
C ILE D 247 25.94 44.09 -20.38
N ARG D 248 24.92 44.90 -20.60
CA ARG D 248 24.31 45.68 -19.53
C ARG D 248 23.28 44.82 -18.80
N VAL D 249 23.27 44.88 -17.48
CA VAL D 249 22.49 43.94 -16.66
C VAL D 249 21.40 44.63 -15.87
N PHE D 250 20.20 44.05 -15.87
CA PHE D 250 19.13 44.44 -14.95
C PHE D 250 18.71 43.17 -14.20
N GLY D 251 18.60 43.26 -12.89
CA GLY D 251 18.22 42.07 -12.09
C GLY D 251 17.17 42.42 -11.05
N SER D 253 15.05 40.42 -7.59
CA SER D 253 14.76 39.26 -6.73
C SER D 253 13.32 39.33 -6.25
N VAL D 254 12.62 38.20 -6.27
CA VAL D 254 11.39 38.04 -5.48
C VAL D 254 11.84 37.65 -4.09
N ILE D 255 11.41 38.40 -3.08
CA ILE D 255 11.71 37.99 -1.70
C ILE D 255 10.71 36.89 -1.37
N THR D 256 11.20 35.65 -1.30
CA THR D 256 10.31 34.49 -1.19
C THR D 256 10.16 33.99 0.23
N ASN D 257 11.00 34.50 1.12
CA ASN D 257 11.02 34.08 2.52
C ASN D 257 11.82 35.09 3.30
N GLU D 258 11.64 35.09 4.61
CA GLU D 258 12.31 36.03 5.47
C GLU D 258 13.32 35.29 6.32
N GLY D 259 14.60 35.58 6.11
CA GLY D 259 15.68 35.04 6.93
C GLY D 259 15.94 35.84 8.18
N TYR D 260 14.89 36.09 8.97
CA TYR D 260 15.01 36.86 10.21
C TYR D 260 13.71 36.71 10.98
N HIS D 261 13.72 37.04 12.26
CA HIS D 261 12.53 36.94 13.14
C HIS D 261 11.85 35.58 12.98
N PHE D 262 12.63 34.52 13.19
CA PHE D 262 12.14 33.18 12.97
C PHE D 262 11.17 32.74 14.07
N ALA D 263 9.97 32.33 13.68
CA ALA D 263 9.05 31.60 14.58
C ALA D 263 9.73 30.35 15.11
N ASP D 264 9.31 29.90 16.28
CA ASP D 264 9.91 28.73 16.92
C ASP D 264 9.82 27.48 16.08
N ASP D 265 8.83 27.42 15.20
CA ASP D 265 8.64 26.23 14.39
C ASP D 265 8.86 26.50 12.91
N PHE D 266 9.41 27.66 12.57
CA PHE D 266 9.59 28.02 11.17
C PHE D 266 10.50 27.04 10.44
N VAL D 267 10.08 26.59 9.26
CA VAL D 267 11.02 25.91 8.38
C VAL D 267 10.94 26.50 6.98
N ASN D 268 12.11 26.64 6.36
CA ASN D 268 12.15 27.04 4.95
C ASN D 268 11.72 25.82 4.15
N ASP D 269 11.08 26.04 3.01
CA ASP D 269 10.53 24.94 2.22
C ASP D 269 10.47 25.38 0.76
N GLU D 270 11.00 24.55 -0.13
CA GLU D 270 11.03 24.91 -1.55
C GLU D 270 9.63 25.23 -2.09
N GLN D 271 8.62 24.48 -1.67
CA GLN D 271 7.25 24.68 -2.17
C GLN D 271 6.74 26.07 -1.75
N ASP D 272 7.14 26.52 -0.56
CA ASP D 272 6.76 27.86 -0.08
C ASP D 272 7.52 28.95 -0.84
N VAL D 273 8.79 28.71 -1.18
CA VAL D 273 9.55 29.66 -2.01
C VAL D 273 8.84 29.77 -3.37
N ILE D 274 8.53 28.63 -3.96
CA ILE D 274 7.82 28.63 -5.24
C ILE D 274 6.43 29.29 -5.14
N ARG D 275 5.74 29.08 -4.01
CA ARG D 275 4.45 29.76 -3.81
C ARG D 275 4.61 31.29 -3.97
N ALA D 276 5.65 31.82 -3.32
CA ALA D 276 5.88 33.26 -3.39
C ALA D 276 6.35 33.67 -4.78
N ALA D 277 7.20 32.86 -5.42
CA ALA D 277 7.67 33.16 -6.78
C ALA D 277 6.50 33.18 -7.76
N ASN D 278 5.60 32.22 -7.61
CA ASN D 278 4.41 32.15 -8.49
C ASN D 278 3.52 33.37 -8.29
N ALA D 279 3.33 33.73 -7.03
CA ALA D 279 2.45 34.85 -6.67
C ALA D 279 2.99 36.19 -7.17
N ALA D 280 4.32 36.30 -7.27
CA ALA D 280 4.97 37.52 -7.73
C ALA D 280 5.05 37.62 -9.24
N SER D 281 4.79 36.53 -9.96
CA SER D 281 5.13 36.44 -11.37
C SER D 281 4.39 37.44 -12.24
N GLU D 282 3.12 37.68 -11.94
CA GLU D 282 2.35 38.62 -12.75
C GLU D 282 2.95 40.03 -12.67
N LYS D 283 3.20 40.52 -11.48
CA LYS D 283 3.66 41.88 -11.37
C LYS D 283 5.14 42.01 -11.74
N GLY D 285 6.68 40.09 -13.85
CA GLY D 285 6.66 39.94 -15.29
C GLY D 285 6.23 41.22 -16.00
N ALA D 286 5.28 41.95 -15.40
CA ALA D 286 4.79 43.21 -16.00
C ALA D 286 5.95 44.20 -16.11
N ILE D 287 6.76 44.27 -15.05
CA ILE D 287 7.92 45.18 -15.05
C ILE D 287 8.93 44.80 -16.12
N PHE D 288 9.31 43.52 -16.18
CA PHE D 288 10.31 43.09 -17.19
C PHE D 288 9.78 43.28 -18.61
N ALA D 289 8.50 42.98 -18.82
CA ALA D 289 7.91 43.12 -20.16
C ALA D 289 7.87 44.58 -20.60
N ARG D 290 7.65 45.50 -19.67
CA ARG D 290 7.62 46.93 -20.03
C ARG D 290 9.04 47.46 -20.21
N LEU D 291 9.98 46.93 -19.44
CA LEU D 291 11.38 47.40 -19.48
C LEU D 291 12.05 47.09 -20.83
N ILE D 292 11.69 45.96 -21.44
CA ILE D 292 12.42 45.55 -22.64
C ILE D 292 12.35 46.58 -23.79
N ALA D 293 11.22 47.24 -24.00
CA ALA D 293 11.15 48.24 -25.07
C ALA D 293 11.85 49.53 -24.68
N ALA D 294 12.11 49.70 -23.38
CA ALA D 294 12.66 50.96 -22.89
C ALA D 294 14.19 51.02 -22.96
N VAL D 295 14.84 49.87 -23.09
CA VAL D 295 16.31 49.82 -23.03
C VAL D 295 17.03 49.92 -24.38
#